data_6I7N
#
_entry.id   6I7N
#
_cell.length_a   94.184
_cell.length_b   106.387
_cell.length_c   186.548
_cell.angle_alpha   90.00
_cell.angle_beta   90.00
_cell.angle_gamma   90.00
#
_symmetry.space_group_name_H-M   'P 21 21 21'
#
loop_
_entity.id
_entity.type
_entity.pdbx_description
1 polymer 'Trypanothione reductase'
2 non-polymer 'FLAVIN-ADENINE DINUCLEOTIDE'
3 non-polymer GLYCEROL
4 non-polymer 'SULFATE ION'
5 non-polymer ~{N}-(4-azanylbutyl)-~{N}-(2-azanyl-2-oxidanylidene-ethyl)-7-(3-azanyl-3-oxidanylidene-propyl)-4-(dimethylamino)-2-(2-naphthalen-2-ylethylamino)pyrrolo[2,3-d]pyrimidine-6-carboxamide
6 water water
#
_entity_poly.entity_id   1
_entity_poly.type   'polypeptide(L)'
_entity_poly.pdbx_seq_one_letter_code
;PMSRAYDLVVLGAGSGGLEAGWNAAVTHKKKVAVVDVQATHGPPLFAALGGTCVNVGCVPKKLMVTGAQYMDLIRESGGF
GWEMDRESLCPNWKTLIAAKNKVVNSINESYKSMFADTEGLSFHMGFGALQDAHTVVVRKSEDPHSDVLETLDTEYILIA
TGSWPTRLGVPGDEFCITSNEAFYLEDAPKRMLCVGGGYIAVEFAGIFNGYKPCGGYVDLCYRGDLILRGFDTEVRKSLT
KQLGANGIRVRTNLNPTKITKNEDGSNHVHFNDGTEEDYDQVMLAIGRVPRSQALQLDKAGVRTGKNGAVQVDAYSKTSV
DNIYAIGDVTNRVMLTPVAINEGAAFVETVFGGKPRATDHTKVACAVFSIPPIGTCGMTEEEAAKNYETVAVYASSFTPL
MHNISGSKHKEFMIRIITNESNGEVLGVHMLGDSAPEIIQSVGICMKMGAKISDFHSTIGVHPTSAEELCSMRTPAYFYE
SGKRVEKLSSNL
;
_entity_poly.pdbx_strand_id   A,B
#
# COMPACT_ATOMS: atom_id res chain seq x y z
N PRO A 1 29.39 19.41 39.60
CA PRO A 1 30.51 19.65 38.66
C PRO A 1 30.58 21.10 38.14
N MET A 2 31.22 21.33 36.98
CA MET A 2 31.64 22.69 36.48
C MET A 2 30.65 23.28 35.47
N SER A 3 30.50 24.62 35.47
CA SER A 3 29.42 25.37 34.77
C SER A 3 29.83 25.76 33.34
N ARG A 4 29.14 25.19 32.37
CA ARG A 4 29.59 25.22 30.95
C ARG A 4 28.70 26.17 30.15
N ALA A 5 29.15 26.55 28.95
CA ALA A 5 28.43 27.48 28.05
C ALA A 5 27.13 26.84 27.51
N TYR A 6 27.24 25.72 26.80
CA TYR A 6 26.07 24.92 26.34
C TYR A 6 26.01 23.63 27.16
N ASP A 7 24.84 23.02 27.21
CA ASP A 7 24.66 21.70 27.85
C ASP A 7 24.94 20.62 26.83
N LEU A 8 24.49 20.83 25.59
CA LEU A 8 24.67 19.83 24.52
C LEU A 8 25.03 20.51 23.19
N VAL A 9 26.16 20.10 22.61
CA VAL A 9 26.52 20.45 21.22
C VAL A 9 26.11 19.22 20.41
N VAL A 10 25.80 19.40 19.11
CA VAL A 10 25.55 18.29 18.11
C VAL A 10 26.25 18.64 16.80
N LEU A 11 27.13 17.76 16.31
CA LEU A 11 27.79 17.91 14.97
C LEU A 11 26.91 17.27 13.89
N GLY A 12 26.06 18.06 13.23
CA GLY A 12 25.23 17.58 12.12
C GLY A 12 23.76 17.75 12.41
N ALA A 13 23.08 18.57 11.60
CA ALA A 13 21.61 18.66 11.52
C ALA A 13 21.02 17.45 10.79
N GLY A 14 21.41 16.24 11.22
CA GLY A 14 21.00 14.97 10.61
C GLY A 14 19.59 14.60 11.02
N SER A 15 19.10 13.47 10.54
CA SER A 15 17.82 12.88 11.03
C SER A 15 18.02 12.61 12.52
N GLY A 16 19.19 12.08 12.90
CA GLY A 16 19.53 11.84 14.31
C GLY A 16 19.80 13.16 15.05
N GLY A 17 20.70 13.97 14.51
CA GLY A 17 21.19 15.21 15.14
C GLY A 17 20.09 16.22 15.44
N LEU A 18 19.07 16.32 14.58
CA LEU A 18 17.92 17.24 14.75
C LEU A 18 16.88 16.62 15.70
N GLU A 19 16.74 15.29 15.76
CA GLU A 19 15.79 14.65 16.69
C GLU A 19 16.31 14.85 18.12
N ALA A 20 17.59 14.60 18.34
CA ALA A 20 18.27 14.80 19.65
C ALA A 20 18.14 16.28 20.06
N GLY A 21 18.60 17.20 19.20
CA GLY A 21 18.63 18.65 19.47
C GLY A 21 17.29 19.20 19.92
N TRP A 22 16.21 18.82 19.24
CA TRP A 22 14.84 19.31 19.51
C TRP A 22 14.33 18.76 20.85
N ASN A 23 14.44 17.44 21.08
CA ASN A 23 13.88 16.78 22.29
C ASN A 23 14.53 17.36 23.56
N ALA A 24 15.84 17.64 23.51
CA ALA A 24 16.61 18.23 24.64
C ALA A 24 16.16 19.67 24.88
N ALA A 25 15.91 20.43 23.81
CA ALA A 25 15.64 21.88 23.85
C ALA A 25 14.22 22.18 24.31
N VAL A 26 13.24 21.30 24.12
CA VAL A 26 11.85 21.63 24.57
C VAL A 26 11.45 20.74 25.77
N THR A 27 11.55 19.42 25.67
CA THR A 27 10.99 18.53 26.73
C THR A 27 11.99 18.40 27.91
N HIS A 28 13.21 18.93 27.82
CA HIS A 28 14.14 19.02 28.98
C HIS A 28 14.86 20.38 29.08
N LYS A 29 14.68 21.27 28.10
CA LYS A 29 14.87 22.75 28.19
C LYS A 29 16.35 23.12 28.26
N LYS A 30 17.23 22.34 27.62
CA LYS A 30 18.70 22.52 27.68
C LYS A 30 19.16 23.45 26.56
N LYS A 31 20.31 24.10 26.72
CA LYS A 31 20.81 25.11 25.75
C LYS A 31 21.65 24.37 24.72
N VAL A 32 21.04 24.07 23.57
CA VAL A 32 21.63 23.16 22.57
C VAL A 32 22.21 23.97 21.43
N ALA A 33 23.30 23.44 20.87
CA ALA A 33 23.96 23.98 19.67
C ALA A 33 24.08 22.87 18.61
N VAL A 34 23.69 23.17 17.37
CA VAL A 34 23.66 22.17 16.27
C VAL A 34 24.52 22.71 15.13
N VAL A 35 25.54 21.95 14.75
CA VAL A 35 26.52 22.39 13.73
C VAL A 35 26.23 21.69 12.40
N ASP A 36 26.21 22.45 11.32
CA ASP A 36 26.11 21.88 9.96
C ASP A 36 26.83 22.81 9.00
N VAL A 37 27.08 22.36 7.77
CA VAL A 37 28.13 22.94 6.90
C VAL A 37 27.53 23.96 5.93
N GLN A 38 26.21 24.05 5.79
CA GLN A 38 25.64 25.04 4.86
C GLN A 38 24.18 25.39 5.18
N ALA A 39 23.77 26.52 4.60
CA ALA A 39 22.41 27.09 4.63
C ALA A 39 21.42 26.01 4.19
N THR A 40 21.43 25.72 2.88
CA THR A 40 20.42 24.93 2.15
C THR A 40 21.13 23.86 1.33
N HIS A 41 20.37 22.95 0.72
CA HIS A 41 20.85 21.85 -0.16
C HIS A 41 21.78 22.39 -1.24
N GLY A 42 22.70 21.56 -1.74
CA GLY A 42 23.37 21.78 -3.04
C GLY A 42 24.89 21.82 -2.99
N PRO A 43 25.52 21.89 -4.18
CA PRO A 43 26.97 21.80 -4.31
C PRO A 43 27.68 22.98 -3.69
N PRO A 44 28.98 22.83 -3.33
CA PRO A 44 29.65 21.53 -3.42
C PRO A 44 29.56 20.58 -2.21
N LEU A 45 28.82 20.94 -1.15
CA LEU A 45 28.75 20.15 0.10
C LEU A 45 27.53 19.24 0.12
N PHE A 46 26.52 19.54 -0.69
CA PHE A 46 25.27 18.73 -0.83
C PHE A 46 24.55 18.64 0.51
N ALA A 47 24.97 17.73 1.38
CA ALA A 47 24.35 17.50 2.71
C ALA A 47 24.26 18.83 3.47
N ALA A 48 23.10 19.15 4.03
CA ALA A 48 22.86 20.47 4.63
C ALA A 48 21.86 20.36 5.79
N LEU A 49 21.44 21.52 6.28
CA LEU A 49 20.36 21.60 7.29
C LEU A 49 19.23 20.63 6.91
N GLY A 50 19.06 19.56 7.71
CA GLY A 50 18.03 18.54 7.47
C GLY A 50 18.64 17.17 7.24
N GLY A 51 19.96 17.07 7.07
CA GLY A 51 20.67 15.77 7.02
C GLY A 51 20.85 15.27 5.60
N THR A 52 21.61 14.18 5.46
CA THR A 52 21.94 13.53 4.17
C THR A 52 20.72 12.72 3.76
N CYS A 53 19.53 13.07 4.23
CA CYS A 53 18.30 12.29 3.93
C CYS A 53 17.17 13.19 3.46
N VAL A 54 17.35 14.49 3.48
CA VAL A 54 16.28 15.44 3.06
C VAL A 54 16.84 16.21 1.87
N ASN A 55 18.17 16.31 1.81
CA ASN A 55 18.88 17.12 0.78
C ASN A 55 19.41 16.21 -0.34
N VAL A 56 20.16 15.18 -0.01
CA VAL A 56 20.66 14.30 -1.11
C VAL A 56 20.41 12.85 -0.73
N GLY A 57 19.30 12.64 0.00
CA GLY A 57 18.91 11.31 0.47
C GLY A 57 17.56 10.89 -0.04
N CYS A 58 16.83 10.17 0.80
CA CYS A 58 15.48 9.58 0.64
C CYS A 58 14.50 10.58 -0.02
N VAL A 59 14.20 11.70 0.63
CA VAL A 59 13.10 12.59 0.16
C VAL A 59 13.25 12.80 -1.34
N PRO A 60 14.24 13.59 -1.83
CA PRO A 60 14.27 13.99 -3.24
C PRO A 60 14.40 12.79 -4.20
N LYS A 61 15.10 11.75 -3.78
CA LYS A 61 15.14 10.46 -4.51
C LYS A 61 13.71 10.02 -4.84
N LYS A 62 12.90 9.79 -3.80
CA LYS A 62 11.55 9.17 -3.94
C LYS A 62 10.57 10.10 -4.67
N LEU A 63 10.90 11.38 -4.84
CA LEU A 63 10.13 12.28 -5.74
C LEU A 63 10.50 11.91 -7.16
N MET A 64 11.80 11.83 -7.44
CA MET A 64 12.28 11.56 -8.81
C MET A 64 11.78 10.17 -9.23
N VAL A 65 11.72 9.21 -8.30
CA VAL A 65 11.27 7.81 -8.59
C VAL A 65 9.77 7.79 -8.85
N THR A 66 9.00 8.60 -8.14
CA THR A 66 7.55 8.78 -8.47
C THR A 66 7.46 9.34 -9.89
N GLY A 67 8.39 10.23 -10.24
CA GLY A 67 8.49 10.88 -11.54
C GLY A 67 8.89 9.91 -12.63
N ALA A 68 9.69 8.88 -12.32
CA ALA A 68 10.09 7.88 -13.31
C ALA A 68 8.90 6.96 -13.61
N GLN A 69 8.14 6.58 -12.57
CA GLN A 69 7.05 5.56 -12.68
C GLN A 69 6.01 5.95 -13.72
N TYR A 70 5.90 7.25 -14.03
CA TYR A 70 4.93 7.81 -15.01
C TYR A 70 5.35 7.42 -16.44
N MET A 71 6.55 6.90 -16.69
CA MET A 71 6.90 6.32 -18.02
C MET A 71 6.04 5.08 -18.22
N ASP A 72 6.16 4.10 -17.32
CA ASP A 72 5.32 2.87 -17.35
C ASP A 72 3.84 3.27 -17.45
N LEU A 73 3.36 4.04 -16.47
CA LEU A 73 1.92 4.42 -16.34
C LEU A 73 1.57 5.45 -17.42
N ILE A 74 2.15 5.36 -18.62
CA ILE A 74 1.71 6.13 -19.82
C ILE A 74 1.47 5.12 -20.94
N ARG A 75 2.49 4.40 -21.39
CA ARG A 75 2.26 3.36 -22.42
C ARG A 75 1.40 2.23 -21.81
N GLU A 76 1.24 2.18 -20.48
CA GLU A 76 0.28 1.27 -19.81
C GLU A 76 -1.16 1.79 -19.94
N SER A 77 -1.37 3.10 -19.93
CA SER A 77 -2.72 3.71 -20.05
C SER A 77 -3.44 3.22 -21.32
N GLY A 78 -2.69 3.12 -22.43
CA GLY A 78 -3.19 2.81 -23.78
C GLY A 78 -4.29 1.76 -23.81
N GLY A 79 -4.19 0.71 -22.98
CA GLY A 79 -5.13 -0.43 -22.93
C GLY A 79 -6.44 -0.09 -22.25
N PHE A 80 -6.44 0.90 -21.36
CA PHE A 80 -7.66 1.36 -20.64
C PHE A 80 -8.41 2.44 -21.41
N GLY A 81 -7.99 2.75 -22.64
CA GLY A 81 -8.71 3.68 -23.54
C GLY A 81 -8.01 5.02 -23.65
N TRP A 82 -6.89 5.20 -22.96
CA TRP A 82 -6.18 6.50 -22.92
C TRP A 82 -5.26 6.63 -24.13
N GLU A 83 -5.89 6.86 -25.28
CA GLU A 83 -5.22 7.08 -26.59
C GLU A 83 -4.58 8.47 -26.53
N MET A 84 -3.26 8.53 -26.63
CA MET A 84 -2.53 9.81 -26.53
C MET A 84 -1.31 9.78 -27.45
N ASP A 85 -0.96 10.94 -28.02
CA ASP A 85 0.24 11.08 -28.88
C ASP A 85 1.47 10.65 -28.08
N ARG A 86 1.93 9.41 -28.23
CA ARG A 86 3.17 8.93 -27.60
C ARG A 86 4.35 9.20 -28.55
N GLU A 87 4.07 9.77 -29.74
CA GLU A 87 5.09 10.16 -30.74
C GLU A 87 6.15 11.03 -30.07
N SER A 88 7.42 10.59 -30.11
CA SER A 88 8.59 11.34 -29.60
C SER A 88 8.34 11.85 -28.17
N LEU A 89 7.89 10.99 -27.25
CA LEU A 89 7.66 11.42 -25.85
C LEU A 89 9.01 11.61 -25.14
N CYS A 90 9.60 12.80 -25.32
CA CYS A 90 10.87 13.21 -24.68
C CYS A 90 10.53 13.96 -23.40
N PRO A 91 10.85 13.41 -22.21
CA PRO A 91 10.61 14.12 -20.95
C PRO A 91 11.71 15.15 -20.62
N ASN A 92 11.34 16.27 -19.98
CA ASN A 92 12.26 17.36 -19.61
C ASN A 92 12.79 17.09 -18.19
N TRP A 93 14.04 16.66 -18.13
CA TRP A 93 14.84 16.51 -16.88
C TRP A 93 14.87 17.82 -16.09
N LYS A 94 15.12 18.93 -16.78
CA LYS A 94 15.31 20.23 -16.08
C LYS A 94 14.09 20.51 -15.21
N THR A 95 12.87 20.40 -15.75
CA THR A 95 11.62 20.71 -15.00
C THR A 95 11.46 19.76 -13.79
N LEU A 96 11.95 18.52 -13.83
CA LEU A 96 11.89 17.63 -12.63
C LEU A 96 12.89 18.13 -11.60
N ILE A 97 14.11 18.45 -12.04
CA ILE A 97 15.20 18.91 -11.14
C ILE A 97 14.81 20.25 -10.52
N ALA A 98 14.32 21.16 -11.36
CA ALA A 98 13.70 22.44 -10.95
C ALA A 98 12.68 22.19 -9.81
N ALA A 99 11.68 21.38 -10.11
CA ALA A 99 10.55 21.06 -9.21
C ALA A 99 11.06 20.63 -7.83
N LYS A 100 12.12 19.82 -7.78
CA LYS A 100 12.61 19.21 -6.52
C LYS A 100 13.54 20.19 -5.78
N ASN A 101 14.31 21.02 -6.49
CA ASN A 101 15.14 22.10 -5.88
C ASN A 101 14.25 23.10 -5.13
N LYS A 102 13.05 23.38 -5.64
CA LYS A 102 12.02 24.18 -4.95
C LYS A 102 11.54 23.46 -3.67
N VAL A 103 11.23 22.16 -3.75
CA VAL A 103 10.66 21.36 -2.63
C VAL A 103 11.67 21.21 -1.49
N VAL A 104 12.92 20.90 -1.80
CA VAL A 104 13.95 20.66 -0.76
C VAL A 104 14.19 22.00 -0.06
N ASN A 105 14.44 23.04 -0.86
CA ASN A 105 14.69 24.42 -0.39
C ASN A 105 13.42 25.04 0.25
N SER A 106 12.46 24.23 0.65
CA SER A 106 11.32 24.63 1.52
C SER A 106 11.39 23.86 2.83
N ILE A 107 11.94 22.66 2.83
CA ILE A 107 12.15 21.94 4.11
C ILE A 107 13.34 22.61 4.79
N ASN A 108 14.30 23.07 4.00
CA ASN A 108 15.47 23.81 4.53
C ASN A 108 15.00 25.10 5.22
N GLU A 109 14.11 25.86 4.58
CA GLU A 109 13.62 27.14 5.17
C GLU A 109 12.83 26.81 6.44
N SER A 110 12.02 25.75 6.38
CA SER A 110 11.11 25.33 7.48
C SER A 110 11.93 24.80 8.67
N TYR A 111 13.20 24.43 8.47
CA TYR A 111 14.15 24.11 9.57
C TYR A 111 14.75 25.39 10.15
N LYS A 112 15.17 26.34 9.32
CA LYS A 112 15.63 27.67 9.78
C LYS A 112 14.58 28.26 10.73
N SER A 113 13.32 28.19 10.32
CA SER A 113 12.19 28.80 11.05
C SER A 113 12.04 28.18 12.44
N MET A 114 12.20 26.86 12.59
CA MET A 114 12.02 26.21 13.92
C MET A 114 13.16 26.65 14.84
N PHE A 115 14.37 26.78 14.27
CA PHE A 115 15.59 27.12 15.04
C PHE A 115 15.37 28.48 15.69
N ALA A 116 15.15 29.50 14.86
CA ALA A 116 14.95 30.89 15.34
C ALA A 116 13.62 31.03 16.11
N ASP A 117 12.70 30.05 16.07
CA ASP A 117 11.46 30.08 16.89
C ASP A 117 11.58 29.23 18.16
N THR A 118 12.74 28.67 18.48
CA THR A 118 12.81 27.70 19.61
C THR A 118 13.79 28.14 20.70
N GLU A 119 13.32 27.98 21.95
CA GLU A 119 14.00 28.40 23.21
C GLU A 119 15.39 27.74 23.32
N GLY A 120 16.44 28.50 22.97
CA GLY A 120 17.85 28.19 23.26
C GLY A 120 18.43 27.06 22.41
N LEU A 121 17.69 26.58 21.39
CA LEU A 121 18.25 25.69 20.36
C LEU A 121 18.87 26.58 19.28
N SER A 122 20.20 26.62 19.21
CA SER A 122 20.97 27.48 18.27
C SER A 122 21.58 26.65 17.11
N PHE A 123 21.69 27.27 15.92
CA PHE A 123 22.36 26.71 14.72
C PHE A 123 23.69 27.45 14.52
N HIS A 124 24.73 26.71 14.16
CA HIS A 124 26.11 27.26 14.00
C HIS A 124 26.68 26.71 12.68
N MET A 125 26.89 27.57 11.67
CA MET A 125 27.16 27.13 10.28
C MET A 125 28.67 26.93 10.05
N GLY A 126 29.18 25.68 10.13
CA GLY A 126 30.56 25.37 9.76
C GLY A 126 30.94 23.90 9.89
N PHE A 127 32.24 23.64 9.84
CA PHE A 127 32.81 22.28 9.99
C PHE A 127 33.22 22.07 11.45
N GLY A 128 32.35 21.40 12.21
CA GLY A 128 32.56 21.14 13.65
C GLY A 128 33.47 19.95 13.91
N ALA A 129 34.58 20.16 14.63
CA ALA A 129 35.63 19.16 14.96
C ALA A 129 36.03 19.23 16.44
N LEU A 130 36.39 18.10 17.05
CA LEU A 130 36.57 18.02 18.53
C LEU A 130 37.95 18.52 18.95
N GLN A 131 37.98 19.26 20.07
CA GLN A 131 39.22 19.81 20.69
C GLN A 131 39.53 19.04 21.98
N ASP A 132 38.53 18.83 22.82
CA ASP A 132 38.62 17.90 23.98
C ASP A 132 37.22 17.34 24.27
N ALA A 133 37.05 16.58 25.35
CA ALA A 133 35.77 15.93 25.71
C ALA A 133 34.66 16.97 26.00
N HIS A 134 35.00 18.24 26.22
CA HIS A 134 34.03 19.32 26.55
C HIS A 134 34.12 20.49 25.55
N THR A 135 34.84 20.35 24.43
CA THR A 135 35.05 21.45 23.45
C THR A 135 34.84 20.99 22.01
N VAL A 136 34.18 21.84 21.22
CA VAL A 136 33.97 21.59 19.75
C VAL A 136 34.28 22.89 19.02
N VAL A 137 35.34 22.93 18.22
CA VAL A 137 35.71 24.14 17.42
C VAL A 137 35.09 24.03 16.04
N VAL A 138 34.55 25.13 15.55
CA VAL A 138 33.88 25.20 14.22
C VAL A 138 34.74 26.03 13.28
N ARG A 139 35.27 25.41 12.22
CA ARG A 139 36.14 26.08 11.21
C ARG A 139 35.37 26.28 9.89
N LYS A 140 35.83 27.23 9.08
CA LYS A 140 35.16 27.62 7.81
C LYS A 140 35.34 26.51 6.76
N SER A 141 36.47 25.79 6.81
CA SER A 141 36.77 24.64 5.92
C SER A 141 37.10 23.39 6.75
N GLU A 142 37.12 22.23 6.10
CA GLU A 142 37.28 20.89 6.77
C GLU A 142 38.74 20.75 7.22
N ASP A 143 39.64 21.50 6.56
CA ASP A 143 41.09 21.62 6.87
C ASP A 143 41.26 22.21 8.26
N PRO A 144 42.10 21.62 9.15
CA PRO A 144 42.36 22.22 10.47
C PRO A 144 42.97 23.63 10.44
N HIS A 145 43.80 23.92 9.44
CA HIS A 145 44.47 25.24 9.28
C HIS A 145 43.50 26.33 8.83
N SER A 146 42.22 26.00 8.58
CA SER A 146 41.17 26.96 8.12
C SER A 146 40.67 27.81 9.28
N ASP A 147 40.20 29.02 8.95
CA ASP A 147 39.83 30.09 9.91
C ASP A 147 38.77 29.57 10.90
N VAL A 148 38.82 30.06 12.13
CA VAL A 148 37.86 29.64 13.19
C VAL A 148 36.77 30.70 13.39
N LEU A 149 35.53 30.23 13.52
CA LEU A 149 34.34 31.10 13.68
C LEU A 149 33.81 31.02 15.11
N GLU A 150 33.84 29.83 15.73
CA GLU A 150 33.25 29.61 17.07
C GLU A 150 34.06 28.56 17.82
N THR A 151 33.90 28.51 19.13
CA THR A 151 34.51 27.48 20.00
C THR A 151 33.50 27.13 21.07
N LEU A 152 32.68 26.13 20.83
CA LEU A 152 31.57 25.77 21.74
C LEU A 152 32.12 25.02 22.98
N ASP A 153 31.63 25.41 24.14
CA ASP A 153 32.06 24.87 25.46
C ASP A 153 30.87 24.11 26.00
N THR A 154 31.00 22.81 26.26
CA THR A 154 29.77 22.00 26.53
C THR A 154 29.99 20.84 27.52
N GLU A 155 28.92 20.49 28.23
CA GLU A 155 28.89 19.27 29.09
C GLU A 155 28.97 18.03 28.20
N TYR A 156 27.96 17.80 27.35
CA TYR A 156 27.90 16.63 26.42
C TYR A 156 28.18 17.03 24.97
N ILE A 157 28.61 16.03 24.19
CA ILE A 157 28.84 16.14 22.71
C ILE A 157 28.06 15.01 22.04
N LEU A 158 27.61 15.26 20.82
CA LEU A 158 26.90 14.24 20.00
C LEU A 158 27.39 14.30 18.56
N ILE A 159 27.69 13.12 18.02
CA ILE A 159 28.24 12.96 16.64
C ILE A 159 27.15 12.35 15.76
N ALA A 160 26.75 13.11 14.76
CA ALA A 160 25.65 12.77 13.82
C ALA A 160 26.03 13.32 12.45
N THR A 161 27.30 13.12 12.06
CA THR A 161 27.82 13.58 10.76
C THR A 161 27.45 12.56 9.67
N GLY A 162 26.91 11.40 10.07
CA GLY A 162 26.41 10.36 9.15
C GLY A 162 27.47 9.72 8.26
N SER A 163 27.06 9.40 7.02
CA SER A 163 27.87 8.63 6.04
C SER A 163 28.29 9.54 4.87
N TRP A 164 28.99 8.96 3.89
CA TRP A 164 29.50 9.68 2.70
C TRP A 164 29.78 8.68 1.57
N PRO A 165 29.38 8.95 0.30
CA PRO A 165 29.57 7.99 -0.78
C PRO A 165 31.04 7.57 -0.88
N THR A 166 31.28 6.26 -0.91
CA THR A 166 32.64 5.67 -0.96
C THR A 166 33.16 5.69 -2.42
N ARG A 167 34.44 6.03 -2.57
CA ARG A 167 35.15 6.02 -3.87
C ARG A 167 35.28 4.58 -4.36
N LEU A 168 35.56 4.40 -5.65
CA LEU A 168 35.77 3.06 -6.28
C LEU A 168 37.19 2.52 -6.02
N GLY A 169 38.17 3.40 -5.80
CA GLY A 169 39.57 3.04 -5.54
C GLY A 169 40.23 2.48 -6.78
N VAL A 170 40.12 3.17 -7.91
CA VAL A 170 40.72 2.73 -9.20
C VAL A 170 40.98 3.95 -10.07
N PRO A 171 42.06 3.97 -10.89
CA PRO A 171 42.35 5.10 -11.78
C PRO A 171 41.15 5.49 -12.64
N GLY A 172 40.86 6.79 -12.71
CA GLY A 172 39.72 7.34 -13.47
C GLY A 172 38.49 7.54 -12.59
N ASP A 173 38.67 7.55 -11.26
CA ASP A 173 37.57 7.79 -10.28
C ASP A 173 37.21 9.27 -10.27
N GLU A 174 38.16 10.12 -10.64
CA GLU A 174 37.95 11.58 -10.68
C GLU A 174 36.90 11.92 -11.74
N PHE A 175 36.72 11.07 -12.75
CA PHE A 175 35.77 11.30 -13.87
C PHE A 175 34.36 10.81 -13.54
N CYS A 176 34.24 9.87 -12.60
CA CYS A 176 32.92 9.33 -12.13
C CYS A 176 32.13 10.37 -11.31
N ILE A 177 30.93 9.97 -10.86
CA ILE A 177 30.07 10.70 -9.89
C ILE A 177 29.47 9.73 -8.85
N THR A 178 28.74 10.27 -7.86
CA THR A 178 28.06 9.53 -6.74
C THR A 178 26.59 9.95 -6.64
N SER A 179 25.83 9.41 -5.68
CA SER A 179 24.48 9.91 -5.29
C SER A 179 24.43 11.46 -5.43
N ASN A 180 25.33 12.14 -4.71
CA ASN A 180 25.45 13.62 -4.56
C ASN A 180 25.34 14.41 -5.89
N GLU A 181 26.25 14.15 -6.83
CA GLU A 181 26.39 14.97 -8.06
C GLU A 181 25.20 14.70 -8.95
N ALA A 182 24.57 13.54 -8.81
CA ALA A 182 23.47 13.07 -9.68
C ALA A 182 22.26 13.98 -9.49
N PHE A 183 21.86 14.19 -8.24
CA PHE A 183 20.70 15.04 -7.90
C PHE A 183 20.85 16.40 -8.59
N TYR A 184 22.08 16.89 -8.83
CA TYR A 184 22.35 18.23 -9.44
C TYR A 184 23.08 18.14 -10.79
N LEU A 185 22.70 17.20 -11.66
CA LEU A 185 23.18 17.12 -13.07
C LEU A 185 22.41 18.12 -13.92
N GLU A 186 23.08 18.74 -14.90
CA GLU A 186 22.43 19.76 -15.77
C GLU A 186 21.37 19.09 -16.66
N ASP A 187 21.79 18.12 -17.47
CA ASP A 187 20.90 17.37 -18.39
C ASP A 187 20.81 15.92 -17.92
N ALA A 188 19.82 15.18 -18.42
CA ALA A 188 19.63 13.74 -18.13
C ALA A 188 20.60 12.91 -18.97
N PRO A 189 21.18 11.83 -18.42
CA PRO A 189 22.25 11.13 -19.14
C PRO A 189 21.68 10.18 -20.20
N LYS A 190 22.30 10.22 -21.39
CA LYS A 190 21.91 9.41 -22.57
C LYS A 190 22.40 7.97 -22.38
N ARG A 191 23.71 7.82 -22.25
CA ARG A 191 24.35 6.52 -21.94
C ARG A 191 24.82 6.57 -20.50
N MET A 192 24.28 5.69 -19.65
CA MET A 192 24.47 5.73 -18.18
C MET A 192 24.91 4.35 -17.68
N LEU A 193 26.12 4.26 -17.14
CA LEU A 193 26.56 3.11 -16.30
C LEU A 193 26.28 3.42 -14.82
N CYS A 194 25.31 2.74 -14.21
CA CYS A 194 25.08 2.76 -12.73
C CYS A 194 25.90 1.64 -12.08
N VAL A 195 27.01 1.99 -11.43
CA VAL A 195 28.05 1.01 -10.97
C VAL A 195 27.81 0.62 -9.50
N GLY A 196 27.61 -0.68 -9.24
CA GLY A 196 27.31 -1.22 -7.89
C GLY A 196 25.96 -1.91 -7.84
N GLY A 197 25.77 -2.79 -6.88
CA GLY A 197 24.54 -3.60 -6.73
C GLY A 197 23.86 -3.33 -5.40
N GLY A 198 24.12 -2.14 -4.84
CA GLY A 198 23.43 -1.62 -3.65
C GLY A 198 22.03 -1.14 -3.98
N TYR A 199 21.19 -0.90 -2.97
CA TYR A 199 19.81 -0.44 -3.19
C TYR A 199 19.83 0.96 -3.81
N ILE A 200 20.94 1.71 -3.66
CA ILE A 200 21.11 3.12 -4.15
C ILE A 200 21.39 3.18 -5.66
N ALA A 201 22.26 2.32 -6.21
CA ALA A 201 22.50 2.26 -7.67
C ALA A 201 21.22 1.82 -8.39
N VAL A 202 20.50 0.88 -7.78
CA VAL A 202 19.25 0.26 -8.28
C VAL A 202 18.16 1.32 -8.43
N GLU A 203 17.80 1.99 -7.33
CA GLU A 203 16.78 3.06 -7.35
C GLU A 203 17.14 4.07 -8.44
N PHE A 204 18.41 4.52 -8.43
CA PHE A 204 18.96 5.56 -9.33
C PHE A 204 19.01 5.09 -10.80
N ALA A 205 19.06 3.79 -11.04
CA ALA A 205 19.06 3.24 -12.40
C ALA A 205 17.73 3.53 -13.08
N GLY A 206 16.62 3.59 -12.32
CA GLY A 206 15.29 3.95 -12.84
C GLY A 206 15.24 5.40 -13.28
N ILE A 207 15.88 6.28 -12.52
CA ILE A 207 15.89 7.75 -12.78
C ILE A 207 16.42 7.99 -14.20
N PHE A 208 17.60 7.47 -14.49
CA PHE A 208 18.22 7.66 -15.82
C PHE A 208 17.35 6.92 -16.84
N ASN A 209 16.75 5.79 -16.42
CA ASN A 209 15.90 4.93 -17.29
C ASN A 209 14.61 5.68 -17.67
N GLY A 210 13.76 6.00 -16.70
CA GLY A 210 12.57 6.83 -16.91
C GLY A 210 12.88 8.10 -17.70
N TYR A 211 13.93 8.81 -17.32
CA TYR A 211 14.27 10.15 -17.86
C TYR A 211 15.37 10.09 -18.93
N LYS A 212 15.60 8.92 -19.52
CA LYS A 212 16.61 8.76 -20.59
C LYS A 212 16.13 9.57 -21.79
N PRO A 213 17.01 10.39 -22.41
CA PRO A 213 16.66 11.14 -23.60
C PRO A 213 16.62 10.17 -24.77
N CYS A 214 15.64 10.36 -25.63
CA CYS A 214 15.29 9.45 -26.76
C CYS A 214 16.56 8.99 -27.48
N GLY A 215 16.66 7.68 -27.71
CA GLY A 215 17.82 7.04 -28.35
C GLY A 215 18.91 6.67 -27.35
N GLY A 216 18.60 6.62 -26.05
CA GLY A 216 19.57 6.35 -24.97
C GLY A 216 19.23 5.11 -24.15
N TYR A 217 20.23 4.57 -23.44
CA TYR A 217 20.11 3.32 -22.65
C TYR A 217 20.78 3.48 -21.28
N VAL A 218 20.47 2.58 -20.35
CA VAL A 218 21.23 2.49 -19.06
C VAL A 218 21.61 1.04 -18.76
N ASP A 219 22.88 0.88 -18.39
CA ASP A 219 23.45 -0.40 -17.91
C ASP A 219 23.68 -0.25 -16.40
N LEU A 220 23.12 -1.16 -15.61
CA LEU A 220 23.59 -1.41 -14.23
C LEU A 220 24.87 -2.26 -14.32
N CYS A 221 25.63 -2.35 -13.25
CA CYS A 221 26.88 -3.14 -13.24
C CYS A 221 27.22 -3.55 -11.81
N TYR A 222 27.75 -4.73 -11.57
CA TYR A 222 28.01 -5.13 -10.17
C TYR A 222 29.11 -6.20 -10.10
N ARG A 223 29.61 -6.39 -8.88
CA ARG A 223 30.69 -7.33 -8.48
C ARG A 223 30.23 -8.78 -8.61
N GLY A 224 29.14 -9.17 -7.93
CA GLY A 224 28.66 -10.56 -7.77
C GLY A 224 27.63 -11.04 -8.78
N ASP A 225 27.05 -12.22 -8.52
CA ASP A 225 26.07 -12.92 -9.42
C ASP A 225 24.67 -12.30 -9.28
N LEU A 226 24.24 -11.94 -8.07
CA LEU A 226 22.86 -11.48 -7.81
C LEU A 226 22.85 -10.13 -7.09
N ILE A 227 22.35 -9.08 -7.76
CA ILE A 227 22.28 -7.68 -7.22
C ILE A 227 21.47 -7.64 -5.92
N LEU A 228 21.64 -6.55 -5.17
CA LEU A 228 21.07 -6.34 -3.81
C LEU A 228 21.53 -7.48 -2.90
N ARG A 229 22.84 -7.56 -2.65
CA ARG A 229 23.39 -8.52 -1.69
C ARG A 229 22.48 -8.56 -0.45
N GLY A 230 22.14 -9.75 0.02
CA GLY A 230 21.56 -9.96 1.35
C GLY A 230 20.04 -9.83 1.42
N PHE A 231 19.37 -9.43 0.35
CA PHE A 231 17.87 -9.46 0.30
C PHE A 231 17.51 -10.90 -0.08
N ASP A 232 16.22 -11.24 -0.15
CA ASP A 232 15.78 -12.63 -0.49
C ASP A 232 16.27 -13.02 -1.89
N THR A 233 16.85 -14.21 -1.99
CA THR A 233 17.34 -14.79 -3.26
C THR A 233 16.24 -14.61 -4.31
N GLU A 234 15.08 -15.22 -4.06
CA GLU A 234 14.00 -15.33 -5.07
C GLU A 234 13.47 -13.96 -5.44
N VAL A 235 13.51 -13.01 -4.51
CA VAL A 235 13.19 -11.59 -4.82
C VAL A 235 14.26 -11.03 -5.75
N ARG A 236 15.53 -11.20 -5.42
CA ARG A 236 16.62 -10.53 -6.16
C ARG A 236 16.66 -11.03 -7.61
N LYS A 237 16.34 -12.32 -7.83
CA LYS A 237 16.25 -12.88 -9.21
C LYS A 237 15.07 -12.21 -9.92
N SER A 238 13.86 -12.38 -9.40
CA SER A 238 12.57 -11.92 -9.96
C SER A 238 12.56 -10.40 -10.24
N LEU A 239 13.38 -9.65 -9.50
CA LEU A 239 13.53 -8.18 -9.70
C LEU A 239 14.28 -7.94 -11.01
N THR A 240 15.48 -8.50 -11.12
CA THR A 240 16.38 -8.30 -12.27
C THR A 240 15.60 -8.57 -13.57
N LYS A 241 14.74 -9.59 -13.57
CA LYS A 241 13.79 -9.86 -14.69
C LYS A 241 13.12 -8.54 -15.11
N GLN A 242 12.40 -7.92 -14.18
CA GLN A 242 11.56 -6.74 -14.48
C GLN A 242 12.45 -5.52 -14.74
N LEU A 243 13.69 -5.48 -14.26
CA LEU A 243 14.63 -4.39 -14.67
C LEU A 243 14.97 -4.54 -16.15
N GLY A 244 15.24 -5.77 -16.58
CA GLY A 244 15.30 -6.10 -18.02
C GLY A 244 14.07 -5.55 -18.75
N ALA A 245 12.88 -5.88 -18.27
CA ALA A 245 11.61 -5.47 -18.92
C ALA A 245 11.62 -3.95 -19.02
N ASN A 246 11.66 -3.29 -17.86
CA ASN A 246 11.71 -1.80 -17.71
C ASN A 246 12.69 -1.23 -18.75
N GLY A 247 13.68 -2.03 -19.17
CA GLY A 247 14.66 -1.69 -20.21
C GLY A 247 16.01 -1.39 -19.60
N ILE A 248 16.47 -2.23 -18.67
CA ILE A 248 17.78 -2.04 -17.98
C ILE A 248 18.65 -3.26 -18.22
N ARG A 249 19.83 -3.05 -18.80
CA ARG A 249 20.87 -4.09 -18.94
C ARG A 249 21.53 -4.27 -17.57
N VAL A 250 21.12 -5.29 -16.80
CA VAL A 250 21.81 -5.67 -15.53
C VAL A 250 22.94 -6.66 -15.88
N ARG A 251 24.18 -6.18 -15.98
CA ARG A 251 25.35 -7.03 -16.26
C ARG A 251 26.10 -7.34 -14.95
N THR A 252 25.83 -8.51 -14.35
CA THR A 252 26.49 -9.00 -13.10
C THR A 252 27.89 -9.58 -13.39
N ASN A 253 28.66 -9.82 -12.33
CA ASN A 253 30.07 -10.29 -12.40
C ASN A 253 30.89 -9.33 -13.28
N LEU A 254 30.77 -8.04 -13.02
CA LEU A 254 31.46 -6.97 -13.79
C LEU A 254 31.81 -5.79 -12.88
N ASN A 255 32.91 -5.13 -13.21
CA ASN A 255 33.59 -4.15 -12.33
C ASN A 255 34.51 -3.32 -13.20
N PRO A 256 34.29 -2.00 -13.35
CA PRO A 256 35.16 -1.23 -14.24
C PRO A 256 36.58 -1.23 -13.67
N THR A 257 37.59 -1.04 -14.52
CA THR A 257 39.02 -1.11 -14.14
C THR A 257 39.71 0.24 -14.39
N LYS A 258 39.41 0.90 -15.51
CA LYS A 258 40.03 2.22 -15.84
C LYS A 258 39.00 3.11 -16.51
N ILE A 259 39.09 4.42 -16.29
CA ILE A 259 38.26 5.44 -17.01
C ILE A 259 39.19 6.55 -17.52
N THR A 260 38.86 7.08 -18.69
CA THR A 260 39.67 8.10 -19.40
C THR A 260 38.71 8.96 -20.21
N LYS A 261 38.73 10.28 -20.00
CA LYS A 261 37.88 11.23 -20.75
C LYS A 261 38.10 11.04 -22.25
N ASN A 262 37.12 11.42 -23.06
CA ASN A 262 37.21 11.33 -24.54
C ASN A 262 37.32 12.75 -25.11
N GLU A 263 37.11 12.88 -26.42
CA GLU A 263 37.22 14.17 -27.16
C GLU A 263 35.95 14.99 -26.91
N ASP A 264 34.77 14.46 -27.24
CA ASP A 264 33.46 15.14 -27.02
C ASP A 264 33.29 15.43 -25.52
N GLY A 265 33.58 14.46 -24.65
CA GLY A 265 33.52 14.61 -23.18
C GLY A 265 33.10 13.34 -22.47
N SER A 266 32.55 12.35 -23.21
CA SER A 266 32.07 11.06 -22.65
C SER A 266 33.23 10.27 -22.03
N ASN A 267 32.91 9.18 -21.34
CA ASN A 267 33.87 8.41 -20.51
C ASN A 267 34.10 7.02 -21.11
N HIS A 268 35.35 6.71 -21.46
CA HIS A 268 35.80 5.43 -22.08
C HIS A 268 36.17 4.41 -21.00
N VAL A 269 35.38 3.35 -20.81
CA VAL A 269 35.40 2.52 -19.57
C VAL A 269 35.99 1.12 -19.83
N HIS A 270 37.26 0.93 -19.48
CA HIS A 270 37.96 -0.39 -19.49
C HIS A 270 37.29 -1.24 -18.41
N PHE A 271 36.74 -2.38 -18.80
CA PHE A 271 36.12 -3.32 -17.84
C PHE A 271 37.13 -4.33 -17.31
N ASN A 272 36.69 -5.18 -16.39
CA ASN A 272 37.56 -6.17 -15.71
C ASN A 272 37.70 -7.39 -16.60
N ASP A 273 36.80 -7.54 -17.55
CA ASP A 273 36.80 -8.71 -18.48
C ASP A 273 37.40 -8.27 -19.82
N GLY A 274 38.27 -7.27 -19.83
CA GLY A 274 38.90 -6.74 -21.05
C GLY A 274 37.89 -6.16 -22.02
N THR A 275 36.80 -5.57 -21.53
CA THR A 275 35.72 -4.99 -22.38
C THR A 275 35.92 -3.48 -22.46
N GLU A 276 35.38 -2.86 -23.50
CA GLU A 276 35.46 -1.39 -23.71
C GLU A 276 34.12 -0.87 -24.19
N GLU A 277 33.52 0.04 -23.45
CA GLU A 277 32.28 0.73 -23.90
C GLU A 277 32.33 2.18 -23.41
N ASP A 278 31.54 3.05 -24.03
CA ASP A 278 31.54 4.49 -23.72
C ASP A 278 30.25 4.90 -23.02
N TYR A 279 30.34 5.73 -21.98
CA TYR A 279 29.17 6.26 -21.26
C TYR A 279 29.35 7.76 -21.09
N ASP A 280 28.25 8.49 -21.18
CA ASP A 280 28.22 9.96 -20.96
C ASP A 280 28.39 10.26 -19.47
N GLN A 281 27.97 9.34 -18.59
CA GLN A 281 28.13 9.46 -17.12
C GLN A 281 28.40 8.10 -16.46
N VAL A 282 29.05 8.12 -15.30
CA VAL A 282 29.37 6.88 -14.54
C VAL A 282 29.19 7.14 -13.04
N MET A 283 28.03 6.75 -12.50
CA MET A 283 27.64 7.01 -11.09
C MET A 283 27.95 5.78 -10.25
N LEU A 284 28.79 5.92 -9.22
CA LEU A 284 29.18 4.83 -8.28
C LEU A 284 28.24 4.83 -7.09
N ALA A 285 27.59 3.71 -6.81
CA ALA A 285 26.68 3.56 -5.66
C ALA A 285 27.06 2.24 -4.99
N ILE A 286 28.32 2.22 -4.57
CA ILE A 286 29.05 1.01 -4.12
C ILE A 286 29.08 0.97 -2.59
N GLY A 287 29.02 2.12 -1.91
CA GLY A 287 28.89 2.07 -0.45
C GLY A 287 28.98 3.41 0.26
N ARG A 288 28.84 3.32 1.57
CA ARG A 288 28.75 4.49 2.46
C ARG A 288 29.68 4.25 3.64
N VAL A 289 30.82 4.90 3.61
CA VAL A 289 31.74 4.99 4.79
C VAL A 289 31.08 5.90 5.84
N PRO A 290 31.12 5.53 7.14
CA PRO A 290 30.92 6.52 8.20
C PRO A 290 31.88 7.70 8.09
N ARG A 291 31.35 8.90 8.40
CA ARG A 291 32.02 10.19 8.08
C ARG A 291 32.63 10.82 9.33
N SER A 292 33.74 10.27 9.79
CA SER A 292 34.43 10.68 11.04
C SER A 292 35.86 11.14 10.74
N GLN A 293 36.28 11.17 9.47
CA GLN A 293 37.72 11.25 9.14
C GLN A 293 38.26 12.68 9.27
N ALA A 294 37.50 13.69 9.70
CA ALA A 294 38.02 15.06 9.95
C ALA A 294 37.52 15.65 11.27
N LEU A 295 37.05 14.82 12.20
CA LEU A 295 36.45 15.29 13.48
C LEU A 295 37.48 15.23 14.61
N GLN A 296 38.63 14.56 14.42
CA GLN A 296 39.70 14.45 15.46
C GLN A 296 39.14 13.78 16.72
N LEU A 297 38.67 12.55 16.59
CA LEU A 297 38.11 11.74 17.69
C LEU A 297 39.25 11.08 18.46
N ASP A 298 40.31 10.65 17.75
CA ASP A 298 41.67 10.36 18.28
C ASP A 298 42.01 11.37 19.38
N LYS A 299 41.88 12.67 19.07
CA LYS A 299 42.33 13.80 19.91
C LYS A 299 41.46 13.88 21.17
N ALA A 300 40.23 13.41 21.17
CA ALA A 300 39.36 13.45 22.37
C ALA A 300 39.21 12.04 22.98
N GLY A 301 40.05 11.08 22.59
CA GLY A 301 40.00 9.70 23.12
C GLY A 301 38.67 9.02 22.82
N VAL A 302 38.10 9.31 21.66
CA VAL A 302 36.93 8.59 21.09
C VAL A 302 37.49 7.54 20.15
N ARG A 303 37.00 6.30 20.27
CA ARG A 303 37.58 5.18 19.49
C ARG A 303 36.81 4.91 18.21
N THR A 304 37.55 4.87 17.10
CA THR A 304 37.04 4.71 15.72
C THR A 304 37.36 3.29 15.26
N GLY A 305 37.69 3.11 13.98
CA GLY A 305 37.99 1.80 13.35
C GLY A 305 36.78 1.24 12.63
N LYS A 306 36.90 0.06 12.00
CA LYS A 306 35.76 -0.62 11.31
C LYS A 306 35.14 0.36 10.32
N ASN A 307 35.96 0.87 9.39
CA ASN A 307 35.64 1.84 8.29
C ASN A 307 35.64 3.29 8.80
N GLY A 308 35.69 3.54 10.11
CA GLY A 308 35.49 4.87 10.70
C GLY A 308 34.31 4.89 11.66
N ALA A 309 33.60 3.76 11.75
CA ALA A 309 32.46 3.54 12.67
C ALA A 309 32.85 3.92 14.09
N VAL A 310 32.18 4.93 14.64
CA VAL A 310 32.45 5.36 16.03
C VAL A 310 31.96 4.27 16.96
N GLN A 311 32.86 3.79 17.82
CA GLN A 311 32.62 2.62 18.71
C GLN A 311 31.61 3.05 19.76
N VAL A 312 30.48 2.35 19.86
CA VAL A 312 29.37 2.72 20.79
C VAL A 312 28.69 1.47 21.35
N ASP A 313 28.12 1.62 22.54
CA ASP A 313 27.52 0.52 23.34
C ASP A 313 26.02 0.43 23.01
N ALA A 314 25.28 -0.39 23.75
CA ALA A 314 23.83 -0.64 23.59
C ALA A 314 22.98 0.62 23.85
N TYR A 315 23.55 1.69 24.42
CA TYR A 315 22.89 3.01 24.62
C TYR A 315 23.71 4.16 23.98
N SER A 316 24.40 3.92 22.86
CA SER A 316 24.99 4.99 21.98
C SER A 316 26.17 5.72 22.62
N LYS A 317 26.64 5.32 23.82
CA LYS A 317 27.67 6.06 24.59
C LYS A 317 29.07 5.66 24.11
N THR A 318 29.85 6.60 23.56
CA THR A 318 31.15 6.30 22.90
C THR A 318 32.22 5.91 23.92
N SER A 319 33.47 5.76 23.50
CA SER A 319 34.58 5.42 24.42
C SER A 319 34.67 6.44 25.56
N VAL A 320 34.41 7.72 25.31
CA VAL A 320 34.34 8.79 26.36
C VAL A 320 32.94 8.83 27.01
N ASP A 321 32.84 9.19 28.30
CA ASP A 321 31.62 9.03 29.15
C ASP A 321 30.58 10.14 28.91
N ASN A 322 31.03 11.32 28.47
CA ASN A 322 30.13 12.47 28.19
C ASN A 322 29.82 12.58 26.69
N ILE A 323 30.52 11.85 25.81
CA ILE A 323 30.35 11.97 24.33
C ILE A 323 29.54 10.79 23.79
N TYR A 324 28.60 11.05 22.89
CA TYR A 324 27.70 10.02 22.29
C TYR A 324 27.69 10.11 20.77
N ALA A 325 27.26 9.04 20.10
CA ALA A 325 27.16 9.00 18.63
C ALA A 325 25.88 8.28 18.19
N ILE A 326 25.26 8.73 17.08
CA ILE A 326 24.04 8.12 16.48
C ILE A 326 23.99 8.26 14.94
N GLY A 327 23.09 7.49 14.33
CA GLY A 327 22.79 7.54 12.88
C GLY A 327 23.67 6.61 12.06
N ASP A 328 24.34 7.17 11.06
CA ASP A 328 25.10 6.40 10.05
C ASP A 328 26.58 6.39 10.42
N VAL A 329 27.07 7.43 11.10
CA VAL A 329 28.49 7.48 11.52
C VAL A 329 28.75 6.42 12.59
N THR A 330 27.73 5.98 13.33
CA THR A 330 27.84 4.81 14.24
C THR A 330 28.00 3.52 13.43
N ASN A 331 27.28 3.41 12.31
CA ASN A 331 27.39 2.30 11.32
C ASN A 331 26.76 1.04 11.90
N ARG A 332 25.59 1.16 12.51
CA ARG A 332 24.85 -0.04 12.94
C ARG A 332 23.85 -0.38 11.84
N VAL A 333 22.76 0.35 11.76
CA VAL A 333 21.81 0.27 10.62
C VAL A 333 21.76 1.66 10.02
N MET A 334 21.82 1.75 8.70
CA MET A 334 22.00 3.03 7.97
C MET A 334 20.67 3.53 7.35
N LEU A 335 19.52 3.19 7.95
CA LEU A 335 18.21 3.80 7.59
C LEU A 335 18.00 5.10 8.39
N THR A 336 16.99 5.88 8.03
CA THR A 336 16.70 7.19 8.66
C THR A 336 15.84 6.98 9.89
N PRO A 337 14.72 6.23 9.85
CA PRO A 337 13.95 5.99 11.07
C PRO A 337 14.70 5.27 12.19
N VAL A 338 15.92 4.79 11.92
CA VAL A 338 16.85 4.31 12.98
C VAL A 338 17.60 5.52 13.59
N ALA A 339 18.24 6.36 12.77
CA ALA A 339 19.03 7.54 13.21
C ALA A 339 18.18 8.40 14.16
N ILE A 340 16.90 8.54 13.83
CA ILE A 340 15.92 9.30 14.65
C ILE A 340 15.69 8.53 15.94
N ASN A 341 15.33 7.25 15.86
CA ASN A 341 15.01 6.44 17.06
C ASN A 341 16.23 6.34 17.98
N GLU A 342 17.44 6.20 17.43
CA GLU A 342 18.75 6.25 18.16
C GLU A 342 18.91 7.61 18.88
N GLY A 343 18.39 8.70 18.28
CA GLY A 343 18.39 10.05 18.85
C GLY A 343 17.53 10.19 20.10
N ALA A 344 16.22 9.93 20.00
CA ALA A 344 15.26 10.21 21.08
C ALA A 344 15.43 9.21 22.24
N ALA A 345 15.95 8.01 21.97
CA ALA A 345 16.39 7.06 23.02
C ALA A 345 17.58 7.65 23.80
N PHE A 346 18.46 8.36 23.11
CA PHE A 346 19.70 8.95 23.69
C PHE A 346 19.33 10.09 24.65
N VAL A 347 18.27 10.84 24.33
CA VAL A 347 17.78 11.94 25.21
C VAL A 347 17.14 11.34 26.47
N GLU A 348 16.28 10.32 26.34
CA GLU A 348 15.70 9.56 27.48
C GLU A 348 16.81 8.98 28.36
N THR A 349 17.94 8.59 27.77
CA THR A 349 19.12 8.06 28.49
C THR A 349 19.69 9.18 29.35
N VAL A 350 20.26 10.20 28.71
CA VAL A 350 21.04 11.27 29.39
C VAL A 350 20.06 12.17 30.13
N PHE A 351 19.36 13.02 29.38
CA PHE A 351 18.58 14.15 29.92
C PHE A 351 17.24 13.67 30.50
N GLY A 352 16.73 12.51 30.08
CA GLY A 352 15.48 11.97 30.64
C GLY A 352 15.72 11.23 31.95
N GLY A 353 16.88 10.56 32.07
CA GLY A 353 17.23 9.78 33.27
C GLY A 353 16.44 8.48 33.41
N LYS A 354 15.54 8.14 32.47
CA LYS A 354 14.99 6.77 32.32
C LYS A 354 15.57 6.18 31.04
N PRO A 355 16.77 5.57 31.10
CA PRO A 355 17.43 5.04 29.92
C PRO A 355 16.56 4.11 29.06
N ARG A 356 16.84 4.15 27.77
CA ARG A 356 16.25 3.23 26.78
C ARG A 356 17.28 2.99 25.68
N ALA A 357 17.37 1.74 25.24
CA ALA A 357 18.28 1.32 24.15
C ALA A 357 17.48 1.14 22.87
N THR A 358 17.96 1.68 21.75
CA THR A 358 17.32 1.48 20.42
C THR A 358 17.50 0.01 20.01
N ASP A 359 16.45 -0.54 19.41
CA ASP A 359 16.42 -1.94 18.92
C ASP A 359 16.65 -1.93 17.40
N HIS A 360 17.67 -2.62 16.92
CA HIS A 360 18.06 -2.59 15.48
C HIS A 360 17.50 -3.80 14.71
N THR A 361 16.65 -4.63 15.35
CA THR A 361 16.23 -5.97 14.85
C THR A 361 14.73 -6.02 14.50
N LYS A 362 14.37 -6.82 13.49
CA LYS A 362 13.00 -6.88 12.91
C LYS A 362 12.61 -5.49 12.40
N VAL A 363 13.58 -4.71 11.91
CA VAL A 363 13.37 -3.33 11.40
C VAL A 363 13.03 -3.42 9.93
N ALA A 364 11.84 -2.99 9.53
CA ALA A 364 11.42 -3.02 8.10
C ALA A 364 12.23 -2.02 7.24
N CYS A 365 13.03 -2.52 6.28
CA CYS A 365 13.68 -1.74 5.18
C CYS A 365 12.68 -1.61 4.01
N ALA A 366 13.08 -0.94 2.93
CA ALA A 366 12.31 -0.92 1.65
C ALA A 366 13.16 -0.32 0.53
N VAL A 367 13.07 -0.87 -0.68
CA VAL A 367 13.86 -0.33 -1.81
C VAL A 367 12.91 0.20 -2.88
N PHE A 368 13.20 1.40 -3.39
CA PHE A 368 12.32 2.11 -4.35
C PHE A 368 12.90 2.00 -5.75
N SER A 369 12.95 0.79 -6.27
CA SER A 369 13.28 0.52 -7.68
C SER A 369 11.96 0.47 -8.43
N ILE A 370 11.93 0.06 -9.68
CA ILE A 370 10.59 -0.10 -10.31
C ILE A 370 10.53 -1.51 -10.85
N PRO A 371 9.79 -2.42 -10.17
CA PRO A 371 8.86 -2.07 -9.10
C PRO A 371 9.56 -2.00 -7.75
N PRO A 372 8.91 -1.53 -6.68
CA PRO A 372 9.53 -1.46 -5.36
C PRO A 372 9.57 -2.79 -4.63
N ILE A 373 10.23 -2.80 -3.47
CA ILE A 373 10.37 -4.00 -2.59
C ILE A 373 10.16 -3.58 -1.16
N GLY A 374 9.57 -4.48 -0.37
CA GLY A 374 9.34 -4.28 1.07
C GLY A 374 9.78 -5.51 1.80
N THR A 375 10.68 -5.38 2.78
CA THR A 375 11.24 -6.56 3.49
C THR A 375 11.42 -6.26 4.97
N CYS A 376 10.91 -7.14 5.81
CA CYS A 376 11.12 -7.09 7.26
C CYS A 376 11.43 -8.51 7.72
N GLY A 377 12.42 -8.64 8.59
CA GLY A 377 12.81 -9.92 9.19
C GLY A 377 13.90 -10.57 8.36
N MET A 378 14.11 -11.86 8.59
CA MET A 378 15.29 -12.58 8.05
C MET A 378 14.94 -13.41 6.81
N THR A 379 15.94 -13.60 5.96
CA THR A 379 15.84 -14.39 4.71
C THR A 379 15.92 -15.89 5.06
N GLU A 380 15.18 -16.72 4.32
CA GLU A 380 15.19 -18.21 4.38
C GLU A 380 16.60 -18.75 4.69
N GLU A 381 17.63 -18.19 4.04
CA GLU A 381 19.02 -18.73 4.03
C GLU A 381 19.60 -18.63 5.44
N GLU A 382 19.61 -17.41 5.98
CA GLU A 382 20.06 -17.03 7.35
C GLU A 382 19.28 -17.81 8.42
N ALA A 383 17.98 -18.00 8.22
CA ALA A 383 17.06 -18.53 9.25
C ALA A 383 17.24 -20.03 9.36
N ALA A 384 17.43 -20.72 8.24
CA ALA A 384 17.63 -22.19 8.23
C ALA A 384 18.90 -22.58 9.01
N LYS A 385 19.87 -21.68 9.11
CA LYS A 385 21.15 -21.91 9.82
C LYS A 385 21.06 -21.36 11.25
N ASN A 386 19.88 -20.92 11.70
CA ASN A 386 19.60 -20.57 13.12
C ASN A 386 18.53 -21.49 13.73
N TYR A 387 17.90 -22.35 12.93
CA TYR A 387 16.67 -23.07 13.37
C TYR A 387 16.72 -24.52 12.87
N GLU A 388 16.38 -25.44 13.78
CA GLU A 388 16.05 -26.85 13.42
C GLU A 388 15.26 -26.85 12.10
N THR A 389 14.01 -26.39 12.16
CA THR A 389 13.00 -26.57 11.08
C THR A 389 12.36 -25.22 10.71
N VAL A 390 12.92 -24.56 9.68
CA VAL A 390 12.34 -23.40 8.95
C VAL A 390 11.32 -23.92 7.91
N ALA A 391 10.38 -23.10 7.45
CA ALA A 391 9.35 -23.49 6.45
C ALA A 391 9.02 -22.33 5.51
N VAL A 392 9.40 -22.44 4.23
CA VAL A 392 9.28 -21.31 3.25
C VAL A 392 7.93 -21.38 2.53
N TYR A 393 6.98 -20.61 3.02
CA TYR A 393 5.73 -20.27 2.29
C TYR A 393 6.12 -19.30 1.17
N ALA A 394 5.52 -19.48 -0.01
CA ALA A 394 5.82 -18.62 -1.18
C ALA A 394 4.60 -18.50 -2.10
N SER A 395 4.46 -17.35 -2.75
CA SER A 395 3.35 -17.05 -3.69
C SER A 395 3.72 -15.87 -4.58
N SER A 396 3.25 -15.90 -5.82
CA SER A 396 3.53 -14.84 -6.81
C SER A 396 2.55 -14.95 -7.98
N PHE A 397 2.24 -13.81 -8.59
CA PHE A 397 1.16 -13.68 -9.60
C PHE A 397 1.29 -12.33 -10.30
N THR A 398 0.45 -12.14 -11.32
CA THR A 398 0.21 -10.84 -11.99
C THR A 398 -1.09 -10.27 -11.45
N PRO A 399 -1.13 -8.97 -11.09
CA PRO A 399 -2.39 -8.31 -10.75
C PRO A 399 -3.48 -8.26 -11.83
N LEU A 400 -4.59 -7.65 -11.43
CA LEU A 400 -5.75 -7.32 -12.32
C LEU A 400 -5.33 -6.26 -13.32
N MET A 401 -4.61 -5.22 -12.86
CA MET A 401 -4.34 -4.00 -13.67
C MET A 401 -3.44 -4.36 -14.87
N HIS A 402 -2.56 -5.35 -14.73
CA HIS A 402 -1.59 -5.69 -15.80
C HIS A 402 -2.20 -6.70 -16.78
N ASN A 403 -3.12 -7.52 -16.30
CA ASN A 403 -4.08 -8.33 -17.09
C ASN A 403 -4.52 -7.61 -18.36
N ILE A 404 -4.74 -6.30 -18.29
CA ILE A 404 -5.27 -5.47 -19.42
C ILE A 404 -4.20 -4.48 -19.87
N SER A 405 -3.29 -4.12 -18.96
CA SER A 405 -2.22 -3.13 -19.23
C SER A 405 -1.46 -3.55 -20.48
N GLY A 406 -0.78 -4.70 -20.41
CA GLY A 406 0.07 -5.23 -21.50
C GLY A 406 1.33 -5.84 -20.92
N SER A 407 1.93 -5.13 -19.95
CA SER A 407 3.09 -5.57 -19.15
C SER A 407 2.66 -6.73 -18.25
N LYS A 408 2.11 -7.77 -18.87
CA LYS A 408 1.53 -8.97 -18.22
C LYS A 408 2.64 -9.81 -17.61
N HIS A 409 3.89 -9.39 -17.75
CA HIS A 409 5.07 -10.06 -17.16
C HIS A 409 5.23 -9.61 -15.72
N LYS A 410 4.54 -8.55 -15.33
CA LYS A 410 4.76 -7.92 -14.02
C LYS A 410 4.23 -8.83 -12.93
N GLU A 411 4.91 -8.83 -11.80
CA GLU A 411 4.57 -9.75 -10.70
C GLU A 411 4.76 -9.09 -9.34
N PHE A 412 4.00 -9.65 -8.42
CA PHE A 412 3.93 -9.29 -7.00
C PHE A 412 4.24 -10.55 -6.18
N MET A 413 5.44 -10.59 -5.60
CA MET A 413 6.01 -11.81 -4.98
C MET A 413 5.92 -11.70 -3.46
N ILE A 414 5.33 -12.68 -2.80
CA ILE A 414 5.21 -12.69 -1.31
C ILE A 414 5.77 -14.00 -0.76
N ARG A 415 6.84 -13.94 0.02
CA ARG A 415 7.47 -15.13 0.65
C ARG A 415 7.52 -14.94 2.16
N ILE A 416 6.84 -15.82 2.89
CA ILE A 416 6.78 -15.83 4.38
C ILE A 416 7.69 -16.94 4.91
N ILE A 417 8.65 -16.57 5.75
CA ILE A 417 9.67 -17.50 6.32
C ILE A 417 9.25 -17.76 7.77
N THR A 418 8.82 -18.99 8.07
CA THR A 418 8.35 -19.34 9.44
C THR A 418 9.30 -20.37 10.10
N ASN A 419 9.28 -20.39 11.43
CA ASN A 419 9.86 -21.48 12.25
C ASN A 419 8.79 -22.57 12.38
N GLU A 420 8.97 -23.71 11.72
CA GLU A 420 7.94 -24.81 11.67
C GLU A 420 7.55 -25.24 13.08
N SER A 421 8.52 -25.28 14.03
CA SER A 421 8.32 -25.65 15.47
C SER A 421 6.98 -25.13 15.99
N ASN A 422 6.76 -23.82 15.84
CA ASN A 422 5.64 -23.10 16.47
C ASN A 422 4.97 -22.13 15.49
N GLY A 423 5.34 -22.18 14.21
CA GLY A 423 4.74 -21.39 13.12
C GLY A 423 4.87 -19.88 13.33
N GLU A 424 6.02 -19.41 13.80
CA GLU A 424 6.22 -17.96 14.08
C GLU A 424 6.99 -17.30 12.93
N VAL A 425 6.45 -16.18 12.41
CA VAL A 425 6.97 -15.52 11.16
C VAL A 425 8.31 -14.81 11.44
N LEU A 426 9.40 -15.46 11.00
CA LEU A 426 10.79 -14.97 11.16
C LEU A 426 11.08 -13.89 10.11
N GLY A 427 10.29 -13.80 9.04
CA GLY A 427 10.58 -12.82 7.99
C GLY A 427 9.60 -12.81 6.83
N VAL A 428 9.32 -11.63 6.31
CA VAL A 428 8.43 -11.38 5.15
C VAL A 428 9.25 -10.66 4.08
N HIS A 429 9.04 -10.99 2.81
CA HIS A 429 9.78 -10.43 1.66
C HIS A 429 8.82 -10.24 0.50
N MET A 430 8.76 -9.01 -0.04
CA MET A 430 7.73 -8.64 -1.03
C MET A 430 8.32 -7.79 -2.15
N LEU A 431 7.87 -8.11 -3.35
CA LEU A 431 8.15 -7.34 -4.57
C LEU A 431 6.82 -6.83 -5.13
N GLY A 432 6.86 -5.75 -5.90
CA GLY A 432 5.70 -5.26 -6.66
C GLY A 432 5.09 -4.00 -6.06
N ASP A 433 4.00 -3.53 -6.67
CA ASP A 433 3.47 -2.16 -6.46
C ASP A 433 2.78 -2.09 -5.10
N SER A 434 3.06 -1.01 -4.35
CA SER A 434 2.48 -0.68 -3.03
C SER A 434 3.13 -1.53 -1.94
N ALA A 435 4.32 -2.12 -2.17
CA ALA A 435 4.97 -3.03 -1.21
C ALA A 435 5.39 -2.29 0.07
N PRO A 436 6.20 -1.20 -0.03
CA PRO A 436 6.72 -0.55 1.17
C PRO A 436 5.62 -0.09 2.12
N GLU A 437 4.42 0.16 1.59
CA GLU A 437 3.25 0.61 2.38
C GLU A 437 2.76 -0.57 3.23
N ILE A 438 2.75 -1.76 2.63
CA ILE A 438 2.12 -2.97 3.23
C ILE A 438 3.05 -3.49 4.32
N ILE A 439 4.35 -3.47 4.04
CA ILE A 439 5.39 -4.01 4.98
C ILE A 439 5.34 -3.24 6.29
N GLN A 440 5.05 -1.93 6.25
CA GLN A 440 5.10 -1.06 7.45
C GLN A 440 4.17 -1.63 8.52
N SER A 441 2.94 -1.96 8.12
CA SER A 441 1.89 -2.54 9.00
C SER A 441 2.25 -4.00 9.35
N VAL A 442 3.03 -4.66 8.50
CA VAL A 442 3.50 -6.06 8.76
C VAL A 442 4.56 -6.03 9.86
N GLY A 443 5.54 -5.11 9.79
CA GLY A 443 6.59 -4.93 10.81
C GLY A 443 6.03 -4.75 12.22
N ILE A 444 4.78 -4.25 12.33
CA ILE A 444 4.03 -4.17 13.61
C ILE A 444 3.62 -5.58 14.06
N CYS A 445 3.07 -6.40 13.17
CA CYS A 445 2.59 -7.76 13.50
C CYS A 445 3.76 -8.61 13.99
N MET A 446 4.92 -8.53 13.33
CA MET A 446 6.13 -9.32 13.69
C MET A 446 6.70 -8.87 15.05
N LYS A 447 6.76 -7.58 15.31
CA LYS A 447 7.18 -6.99 16.61
C LYS A 447 6.25 -7.49 17.74
N MET A 448 5.00 -7.83 17.45
CA MET A 448 4.08 -8.46 18.44
C MET A 448 4.20 -9.98 18.42
N GLY A 449 5.26 -10.54 17.81
CA GLY A 449 5.47 -11.99 17.70
C GLY A 449 4.41 -12.66 16.85
N ALA A 450 4.37 -12.35 15.55
CA ALA A 450 3.30 -12.82 14.66
C ALA A 450 3.51 -14.29 14.33
N LYS A 451 2.44 -15.07 14.41
CA LYS A 451 2.46 -16.47 13.96
C LYS A 451 1.68 -16.59 12.67
N ILE A 452 2.02 -17.60 11.87
CA ILE A 452 1.35 -17.82 10.56
C ILE A 452 -0.12 -18.11 10.83
N SER A 453 -0.43 -18.81 11.92
CA SER A 453 -1.83 -19.17 12.28
C SER A 453 -2.65 -17.89 12.49
N ASP A 454 -2.00 -16.73 12.72
CA ASP A 454 -2.68 -15.40 12.77
C ASP A 454 -2.97 -14.88 11.36
N PHE A 455 -2.03 -15.00 10.42
CA PHE A 455 -2.21 -14.47 9.04
C PHE A 455 -3.45 -15.10 8.39
N HIS A 456 -3.51 -16.44 8.29
CA HIS A 456 -4.56 -17.12 7.49
C HIS A 456 -5.81 -17.40 8.34
N SER A 457 -6.01 -16.67 9.45
CA SER A 457 -7.35 -16.60 10.13
C SER A 457 -7.81 -15.14 10.27
N THR A 458 -7.37 -14.27 9.36
CA THR A 458 -7.79 -12.85 9.27
C THR A 458 -8.40 -12.58 7.90
N ILE A 459 -9.67 -12.22 7.84
CA ILE A 459 -10.41 -12.05 6.55
C ILE A 459 -9.74 -10.96 5.68
N GLY A 460 -9.66 -11.25 4.38
CA GLY A 460 -8.98 -10.44 3.37
C GLY A 460 -9.86 -9.34 2.81
N VAL A 461 -9.18 -8.43 2.11
CA VAL A 461 -9.74 -7.22 1.44
C VAL A 461 -9.76 -7.50 -0.07
N HIS A 462 -10.91 -7.50 -0.73
CA HIS A 462 -11.01 -7.84 -2.17
C HIS A 462 -11.32 -6.57 -2.96
N PRO A 463 -10.63 -6.27 -4.08
CA PRO A 463 -9.45 -7.00 -4.54
C PRO A 463 -8.14 -6.23 -4.35
N THR A 464 -7.18 -6.77 -3.59
CA THR A 464 -5.91 -6.07 -3.29
C THR A 464 -4.72 -7.00 -3.54
N SER A 465 -3.61 -6.42 -4.01
CA SER A 465 -2.32 -7.12 -4.16
C SER A 465 -1.90 -7.72 -2.81
N ALA A 466 -2.12 -6.98 -1.73
CA ALA A 466 -1.69 -7.36 -0.38
C ALA A 466 -2.39 -8.64 0.09
N GLU A 467 -3.65 -8.88 -0.33
CA GLU A 467 -4.51 -9.87 0.40
C GLU A 467 -3.89 -11.27 0.37
N GLU A 468 -2.92 -11.52 -0.52
CA GLU A 468 -2.31 -12.86 -0.67
C GLU A 468 -1.49 -13.20 0.58
N LEU A 469 -1.18 -12.22 1.46
CA LEU A 469 -0.50 -12.54 2.76
C LEU A 469 -1.35 -13.47 3.63
N CYS A 470 -2.66 -13.23 3.67
CA CYS A 470 -3.60 -14.07 4.47
C CYS A 470 -3.98 -15.35 3.70
N SER A 471 -3.76 -15.45 2.39
CA SER A 471 -4.16 -16.63 1.58
C SER A 471 -3.19 -17.82 1.74
N MET A 472 -2.00 -17.65 2.31
CA MET A 472 -0.96 -18.70 2.30
C MET A 472 -1.07 -19.66 3.50
N ARG A 473 -1.47 -20.91 3.24
CA ARG A 473 -1.67 -21.96 4.27
C ARG A 473 -0.64 -23.10 4.12
N THR A 474 -0.21 -23.40 2.88
CA THR A 474 0.67 -24.55 2.54
C THR A 474 2.09 -24.09 2.26
N PRO A 475 3.09 -24.62 3.01
CA PRO A 475 4.50 -24.31 2.78
C PRO A 475 5.04 -24.88 1.47
N ALA A 476 5.81 -24.10 0.70
CA ALA A 476 6.45 -24.52 -0.57
C ALA A 476 7.47 -25.64 -0.31
N TYR A 477 8.43 -25.43 0.58
CA TYR A 477 9.49 -26.40 0.94
C TYR A 477 9.91 -26.17 2.39
N PHE A 478 10.88 -26.93 2.88
CA PHE A 478 11.38 -26.79 4.26
C PHE A 478 12.90 -26.84 4.27
N TYR A 479 13.48 -26.54 5.43
CA TYR A 479 14.95 -26.56 5.65
C TYR A 479 15.28 -27.34 6.92
N GLU A 480 15.24 -28.68 6.82
CA GLU A 480 15.60 -29.55 7.97
C GLU A 480 17.11 -29.44 8.21
N SER A 481 17.53 -28.69 9.23
CA SER A 481 18.94 -28.60 9.70
C SER A 481 19.89 -28.04 8.63
N GLY A 482 19.53 -26.88 8.06
CA GLY A 482 20.39 -26.10 7.14
C GLY A 482 20.40 -26.65 5.71
N LYS A 483 19.50 -27.55 5.36
CA LYS A 483 19.51 -28.23 4.04
C LYS A 483 18.09 -28.32 3.53
N ARG A 484 17.84 -27.77 2.35
CA ARG A 484 16.45 -27.68 1.79
C ARG A 484 15.92 -29.10 1.49
N VAL A 485 14.67 -29.35 1.92
CA VAL A 485 13.96 -30.62 1.66
C VAL A 485 12.67 -30.27 0.90
N GLU A 486 11.79 -31.26 0.70
CA GLU A 486 10.49 -31.08 -0.01
C GLU A 486 9.32 -31.44 0.91
N LYS A 487 9.53 -32.30 1.91
CA LYS A 487 8.63 -32.39 3.09
C LYS A 487 9.45 -32.73 4.35
N LEU A 488 8.87 -32.42 5.49
CA LEU A 488 9.47 -32.72 6.81
C LEU A 488 9.64 -34.24 6.93
N SER A 489 10.85 -34.68 7.25
CA SER A 489 11.18 -36.10 7.54
C SER A 489 10.53 -36.53 8.87
N SER A 490 9.23 -36.87 8.83
CA SER A 490 8.33 -36.96 10.01
C SER A 490 8.45 -38.34 10.68
N MET B 2 -30.57 -46.89 2.16
CA MET B 2 -30.83 -46.44 0.76
C MET B 2 -30.13 -45.10 0.49
N SER B 3 -29.72 -44.38 1.55
CA SER B 3 -28.92 -43.15 1.44
C SER B 3 -29.60 -42.14 0.50
N ARG B 4 -28.84 -41.56 -0.43
CA ARG B 4 -29.38 -40.51 -1.34
C ARG B 4 -28.43 -40.28 -2.51
N ALA B 5 -28.85 -39.50 -3.51
CA ALA B 5 -28.14 -39.30 -4.80
C ALA B 5 -26.99 -38.28 -4.69
N TYR B 6 -27.29 -37.03 -4.40
CA TYR B 6 -26.24 -36.02 -4.14
C TYR B 6 -26.05 -35.93 -2.64
N ASP B 7 -24.83 -35.64 -2.23
CA ASP B 7 -24.57 -35.28 -0.81
C ASP B 7 -24.99 -33.84 -0.63
N LEU B 8 -24.61 -32.97 -1.56
CA LEU B 8 -24.95 -31.52 -1.49
C LEU B 8 -25.48 -30.99 -2.84
N VAL B 9 -26.27 -29.93 -2.74
CA VAL B 9 -26.58 -29.06 -3.90
C VAL B 9 -26.48 -27.60 -3.48
N VAL B 10 -25.56 -26.87 -4.11
CA VAL B 10 -25.32 -25.43 -3.81
C VAL B 10 -26.16 -24.59 -4.78
N LEU B 11 -26.97 -23.66 -4.27
CA LEU B 11 -27.75 -22.72 -5.11
C LEU B 11 -26.96 -21.43 -5.23
N GLY B 12 -26.29 -21.27 -6.37
CA GLY B 12 -25.48 -20.08 -6.66
C GLY B 12 -24.02 -20.42 -6.77
N ALA B 13 -23.45 -20.27 -7.96
CA ALA B 13 -22.00 -20.41 -8.21
C ALA B 13 -21.32 -19.08 -7.90
N GLY B 14 -21.25 -18.73 -6.63
CA GLY B 14 -20.73 -17.43 -6.18
C GLY B 14 -19.38 -17.56 -5.53
N SER B 15 -18.86 -16.44 -5.02
CA SER B 15 -17.72 -16.41 -4.08
C SER B 15 -17.98 -17.47 -3.00
N GLY B 16 -19.19 -17.47 -2.42
CA GLY B 16 -19.60 -18.35 -1.31
C GLY B 16 -19.89 -19.79 -1.71
N GLY B 17 -20.49 -20.03 -2.89
CA GLY B 17 -20.86 -21.38 -3.36
C GLY B 17 -19.69 -22.16 -3.97
N LEU B 18 -18.85 -21.50 -4.77
CA LEU B 18 -17.66 -22.13 -5.41
C LEU B 18 -16.49 -22.22 -4.43
N GLU B 19 -16.65 -21.84 -3.16
CA GLU B 19 -15.79 -22.37 -2.06
C GLU B 19 -16.44 -23.67 -1.58
N ALA B 20 -17.69 -23.60 -1.15
CA ALA B 20 -18.37 -24.69 -0.41
C ALA B 20 -18.32 -25.99 -1.23
N GLY B 21 -18.62 -25.91 -2.53
CA GLY B 21 -18.58 -27.06 -3.45
C GLY B 21 -17.17 -27.61 -3.57
N TRP B 22 -16.28 -26.86 -4.21
CA TRP B 22 -14.86 -27.22 -4.44
C TRP B 22 -14.23 -27.83 -3.17
N ASN B 23 -14.58 -27.37 -1.97
CA ASN B 23 -14.03 -27.93 -0.70
C ASN B 23 -14.66 -29.30 -0.42
N ALA B 24 -15.98 -29.46 -0.59
CA ALA B 24 -16.66 -30.75 -0.30
C ALA B 24 -16.25 -31.80 -1.33
N ALA B 25 -16.13 -31.41 -2.60
CA ALA B 25 -15.79 -32.33 -3.71
C ALA B 25 -14.32 -32.73 -3.60
N VAL B 26 -13.39 -31.81 -3.41
CA VAL B 26 -11.95 -32.24 -3.45
C VAL B 26 -11.52 -32.68 -2.05
N THR B 27 -11.68 -31.85 -1.00
CA THR B 27 -11.06 -32.16 0.33
C THR B 27 -11.95 -33.12 1.14
N HIS B 28 -13.14 -33.52 0.68
CA HIS B 28 -13.96 -34.57 1.38
C HIS B 28 -14.64 -35.56 0.43
N LYS B 29 -14.46 -35.40 -0.89
CA LYS B 29 -14.92 -36.34 -1.95
C LYS B 29 -16.39 -36.72 -1.73
N LYS B 30 -17.26 -35.72 -1.62
CA LYS B 30 -18.72 -35.90 -1.57
C LYS B 30 -19.30 -35.37 -2.88
N LYS B 31 -20.42 -35.93 -3.34
CA LYS B 31 -21.00 -35.53 -4.65
C LYS B 31 -21.73 -34.20 -4.51
N VAL B 32 -21.50 -33.32 -5.46
CA VAL B 32 -21.95 -31.91 -5.38
C VAL B 32 -22.57 -31.52 -6.70
N ALA B 33 -23.69 -30.81 -6.61
CA ALA B 33 -24.28 -30.11 -7.76
C ALA B 33 -24.26 -28.61 -7.47
N VAL B 34 -23.88 -27.82 -8.47
CA VAL B 34 -23.84 -26.33 -8.34
C VAL B 34 -24.76 -25.69 -9.40
N VAL B 35 -25.87 -25.13 -8.93
CA VAL B 35 -26.94 -24.54 -9.79
C VAL B 35 -26.66 -23.05 -9.98
N ASP B 36 -26.50 -22.60 -11.22
CA ASP B 36 -26.31 -21.17 -11.52
C ASP B 36 -26.93 -20.84 -12.87
N VAL B 37 -27.48 -19.65 -12.99
CA VAL B 37 -28.44 -19.30 -14.08
C VAL B 37 -27.71 -19.28 -15.43
N GLN B 38 -26.42 -18.96 -15.45
CA GLN B 38 -25.78 -18.55 -16.72
C GLN B 38 -24.35 -19.07 -16.85
N ALA B 39 -23.89 -19.17 -18.10
CA ALA B 39 -22.57 -19.73 -18.48
C ALA B 39 -21.50 -18.75 -18.03
N THR B 40 -21.55 -17.57 -18.66
CA THR B 40 -20.55 -16.48 -18.58
C THR B 40 -21.30 -15.17 -18.38
N HIS B 41 -20.57 -14.09 -18.09
CA HIS B 41 -21.12 -12.74 -17.77
C HIS B 41 -22.01 -12.26 -18.92
N GLY B 42 -22.87 -11.30 -18.65
CA GLY B 42 -23.56 -10.52 -19.69
C GLY B 42 -25.06 -10.40 -19.42
N PRO B 43 -25.70 -9.32 -19.92
CA PRO B 43 -27.15 -9.20 -19.85
C PRO B 43 -27.82 -10.29 -20.66
N PRO B 44 -29.09 -10.66 -20.36
CA PRO B 44 -29.85 -10.05 -19.27
C PRO B 44 -29.83 -10.73 -17.89
N LEU B 45 -28.93 -11.67 -17.65
CA LEU B 45 -28.86 -12.41 -16.37
C LEU B 45 -27.76 -11.81 -15.51
N PHE B 46 -26.85 -11.05 -16.13
CA PHE B 46 -25.73 -10.35 -15.45
C PHE B 46 -24.85 -11.35 -14.68
N ALA B 47 -25.28 -11.69 -13.45
CA ALA B 47 -24.62 -12.68 -12.58
C ALA B 47 -24.44 -13.99 -13.35
N ALA B 48 -23.24 -14.56 -13.30
CA ALA B 48 -22.87 -15.80 -14.02
C ALA B 48 -22.22 -16.83 -13.09
N LEU B 49 -21.59 -17.83 -13.69
CA LEU B 49 -20.51 -18.61 -13.05
C LEU B 49 -19.52 -17.57 -12.53
N GLY B 50 -19.12 -17.71 -11.27
CA GLY B 50 -18.16 -16.81 -10.62
C GLY B 50 -18.81 -15.97 -9.54
N GLY B 51 -20.04 -15.56 -9.78
CA GLY B 51 -20.82 -14.77 -8.82
C GLY B 51 -20.90 -13.31 -9.22
N THR B 52 -21.48 -12.52 -8.34
CA THR B 52 -21.86 -11.13 -8.60
C THR B 52 -20.70 -10.25 -8.21
N CYS B 53 -19.50 -10.79 -7.96
CA CYS B 53 -18.31 -9.97 -7.62
C CYS B 53 -17.16 -10.31 -8.54
N VAL B 54 -17.47 -10.94 -9.66
CA VAL B 54 -16.45 -11.36 -10.64
C VAL B 54 -16.96 -10.92 -11.99
N ASN B 55 -18.27 -10.87 -12.15
CA ASN B 55 -18.94 -10.59 -13.44
C ASN B 55 -19.49 -9.16 -13.42
N VAL B 56 -20.25 -8.83 -12.39
CA VAL B 56 -20.83 -7.47 -12.21
C VAL B 56 -20.48 -7.02 -10.81
N GLY B 57 -19.25 -7.29 -10.40
CA GLY B 57 -18.80 -7.04 -9.03
C GLY B 57 -17.58 -6.17 -8.97
N CYS B 58 -16.69 -6.51 -8.06
CA CYS B 58 -15.48 -5.79 -7.69
C CYS B 58 -14.36 -6.11 -8.69
N VAL B 59 -14.44 -7.27 -9.32
CA VAL B 59 -13.37 -7.63 -10.28
C VAL B 59 -13.50 -6.63 -11.42
N PRO B 60 -14.61 -6.56 -12.16
CA PRO B 60 -14.75 -5.52 -13.19
C PRO B 60 -14.73 -4.10 -12.62
N LYS B 61 -15.26 -3.89 -11.41
CA LYS B 61 -15.31 -2.55 -10.79
C LYS B 61 -13.89 -1.98 -10.75
N LYS B 62 -13.00 -2.65 -10.04
CA LYS B 62 -11.61 -2.17 -9.79
C LYS B 62 -10.87 -1.96 -11.13
N LEU B 63 -11.18 -2.74 -12.17
CA LEU B 63 -10.50 -2.60 -13.49
C LEU B 63 -10.85 -1.25 -14.08
N MET B 64 -12.15 -0.93 -14.08
CA MET B 64 -12.65 0.34 -14.61
C MET B 64 -12.12 1.45 -13.69
N VAL B 65 -12.08 1.23 -12.38
CA VAL B 65 -11.59 2.26 -11.40
C VAL B 65 -10.12 2.56 -11.71
N THR B 66 -9.33 1.51 -11.95
CA THR B 66 -7.89 1.63 -12.25
C THR B 66 -7.73 2.44 -13.53
N GLY B 67 -8.63 2.24 -14.49
CA GLY B 67 -8.64 3.06 -15.72
C GLY B 67 -8.99 4.50 -15.41
N ALA B 68 -9.97 4.70 -14.55
CA ALA B 68 -10.42 6.04 -14.16
C ALA B 68 -9.36 6.77 -13.32
N GLN B 69 -8.51 6.02 -12.63
CA GLN B 69 -7.37 6.63 -11.88
C GLN B 69 -6.47 7.37 -12.89
N TYR B 70 -6.51 7.03 -14.19
CA TYR B 70 -5.47 7.52 -15.16
C TYR B 70 -5.62 9.02 -15.36
N MET B 71 -6.86 9.53 -15.43
CA MET B 71 -7.19 10.97 -15.60
C MET B 71 -6.29 11.81 -14.71
N ASP B 72 -6.30 11.47 -13.42
CA ASP B 72 -5.51 12.16 -12.37
C ASP B 72 -4.03 12.04 -12.74
N LEU B 73 -3.54 10.81 -12.92
CA LEU B 73 -2.09 10.50 -13.03
C LEU B 73 -1.54 11.11 -14.33
N ILE B 74 -2.39 11.42 -15.30
CA ILE B 74 -1.98 12.05 -16.58
C ILE B 74 -1.99 13.56 -16.41
N ARG B 75 -2.95 14.10 -15.66
CA ARG B 75 -2.96 15.54 -15.24
C ARG B 75 -1.69 15.83 -14.41
N GLU B 76 -1.53 15.16 -13.26
CA GLU B 76 -0.40 15.29 -12.29
C GLU B 76 0.97 15.24 -12.99
N SER B 77 1.15 14.36 -13.98
CA SER B 77 2.44 14.05 -14.65
C SER B 77 3.25 15.29 -15.04
N GLY B 78 2.55 16.33 -15.49
CA GLY B 78 3.13 17.60 -15.99
C GLY B 78 4.22 18.13 -15.08
N GLY B 79 3.97 18.14 -13.77
CA GLY B 79 4.88 18.70 -12.74
C GLY B 79 6.24 18.01 -12.71
N PHE B 80 6.29 16.74 -13.09
CA PHE B 80 7.55 15.95 -13.14
C PHE B 80 8.18 16.02 -14.54
N GLY B 81 7.70 16.93 -15.39
CA GLY B 81 8.31 17.27 -16.70
C GLY B 81 7.83 16.37 -17.82
N TRP B 82 6.73 15.63 -17.62
CA TRP B 82 6.13 14.77 -18.66
C TRP B 82 5.24 15.59 -19.56
N GLU B 83 5.88 16.27 -20.52
CA GLU B 83 5.27 17.25 -21.46
C GLU B 83 4.32 16.49 -22.40
N MET B 84 3.08 16.93 -22.52
CA MET B 84 2.05 16.17 -23.26
C MET B 84 1.05 17.09 -24.00
N ASP B 85 0.36 16.50 -24.99
CA ASP B 85 -0.77 17.10 -25.76
C ASP B 85 -1.67 17.91 -24.83
N ARG B 86 -2.26 17.25 -23.82
CA ARG B 86 -3.12 17.83 -22.74
C ARG B 86 -3.79 19.15 -23.19
N GLU B 87 -4.51 19.11 -24.32
CA GLU B 87 -5.38 20.23 -24.79
C GLU B 87 -6.70 19.67 -25.33
N SER B 88 -6.70 18.46 -25.87
CA SER B 88 -7.91 17.61 -26.00
C SER B 88 -7.50 16.16 -25.77
N LEU B 89 -7.15 15.83 -24.53
CA LEU B 89 -6.94 14.41 -24.10
C LEU B 89 -8.15 13.99 -23.28
N CYS B 90 -9.16 13.43 -23.94
CA CYS B 90 -10.26 12.68 -23.31
C CYS B 90 -10.09 11.21 -23.71
N PRO B 91 -10.55 10.26 -22.87
CA PRO B 91 -10.34 8.83 -23.11
C PRO B 91 -11.34 8.15 -24.06
N ASN B 92 -11.41 6.83 -24.03
CA ASN B 92 -12.26 6.02 -24.94
C ASN B 92 -12.89 4.84 -24.17
N TRP B 93 -14.11 5.05 -23.70
CA TRP B 93 -14.90 4.07 -22.91
C TRP B 93 -15.07 2.77 -23.69
N LYS B 94 -15.08 2.86 -25.01
CA LYS B 94 -15.19 1.67 -25.88
C LYS B 94 -14.11 0.66 -25.47
N THR B 95 -12.82 1.03 -25.56
CA THR B 95 -11.71 0.06 -25.47
C THR B 95 -11.59 -0.47 -24.05
N LEU B 96 -12.13 0.23 -23.02
CA LEU B 96 -12.08 -0.24 -21.61
C LEU B 96 -13.06 -1.39 -21.40
N ILE B 97 -14.30 -1.26 -21.87
CA ILE B 97 -15.38 -2.24 -21.54
C ILE B 97 -15.03 -3.55 -22.23
N ALA B 98 -14.41 -3.47 -23.42
CA ALA B 98 -13.99 -4.66 -24.22
C ALA B 98 -12.87 -5.39 -23.48
N ALA B 99 -11.77 -4.71 -23.21
CA ALA B 99 -10.66 -5.25 -22.39
C ALA B 99 -11.20 -5.79 -21.06
N LYS B 100 -12.16 -5.11 -20.44
CA LYS B 100 -12.81 -5.56 -19.17
C LYS B 100 -13.54 -6.89 -19.42
N ASN B 101 -14.28 -7.01 -20.53
CA ASN B 101 -15.07 -8.23 -20.84
C ASN B 101 -14.12 -9.40 -21.06
N LYS B 102 -13.09 -9.21 -21.87
CA LYS B 102 -12.02 -10.21 -22.17
C LYS B 102 -11.61 -10.92 -20.87
N VAL B 103 -11.48 -10.15 -19.78
CA VAL B 103 -10.91 -10.67 -18.50
C VAL B 103 -12.01 -11.38 -17.71
N VAL B 104 -13.18 -10.79 -17.61
CA VAL B 104 -14.33 -11.45 -16.91
C VAL B 104 -14.61 -12.77 -17.63
N ASN B 105 -14.52 -12.73 -18.95
CA ASN B 105 -14.74 -13.89 -19.85
C ASN B 105 -13.56 -14.87 -19.69
N SER B 106 -12.34 -14.36 -19.50
CA SER B 106 -11.19 -15.23 -19.14
C SER B 106 -11.54 -16.05 -17.89
N ILE B 107 -12.11 -15.44 -16.86
CA ILE B 107 -12.49 -16.14 -15.61
C ILE B 107 -13.69 -17.05 -15.86
N ASN B 108 -14.69 -16.59 -16.60
CA ASN B 108 -15.91 -17.37 -16.88
C ASN B 108 -15.54 -18.75 -17.43
N GLU B 109 -14.57 -18.84 -18.34
CA GLU B 109 -14.23 -20.11 -19.02
C GLU B 109 -13.25 -20.90 -18.16
N SER B 110 -12.53 -20.21 -17.28
CA SER B 110 -11.53 -20.87 -16.40
C SER B 110 -12.28 -21.72 -15.38
N TYR B 111 -13.44 -21.29 -14.89
CA TYR B 111 -14.24 -22.00 -13.86
C TYR B 111 -14.99 -23.19 -14.46
N LYS B 112 -15.30 -23.09 -15.74
CA LYS B 112 -15.95 -24.22 -16.44
C LYS B 112 -14.92 -25.34 -16.45
N SER B 113 -13.70 -25.06 -16.92
CA SER B 113 -12.62 -26.10 -16.91
C SER B 113 -12.72 -26.84 -15.59
N MET B 114 -12.97 -26.11 -14.50
CA MET B 114 -13.01 -26.64 -13.12
C MET B 114 -14.02 -27.79 -13.00
N PHE B 115 -15.25 -27.60 -13.49
CA PHE B 115 -16.31 -28.62 -13.36
C PHE B 115 -15.95 -29.85 -14.16
N ALA B 116 -15.68 -29.67 -15.46
CA ALA B 116 -15.31 -30.74 -16.41
C ALA B 116 -14.14 -31.57 -15.86
N ASP B 117 -13.19 -30.95 -15.17
CA ASP B 117 -11.90 -31.60 -14.77
C ASP B 117 -11.91 -32.05 -13.31
N THR B 118 -13.01 -31.89 -12.58
CA THR B 118 -13.11 -32.32 -11.16
C THR B 118 -14.25 -33.33 -11.01
N GLU B 119 -13.97 -34.49 -10.42
CA GLU B 119 -14.98 -35.54 -10.24
C GLU B 119 -15.73 -35.21 -8.95
N GLY B 120 -17.06 -35.31 -9.02
CA GLY B 120 -18.00 -35.10 -7.91
C GLY B 120 -18.46 -33.67 -7.83
N LEU B 121 -18.20 -32.87 -8.87
CA LEU B 121 -18.56 -31.44 -8.88
C LEU B 121 -19.29 -31.11 -10.18
N SER B 122 -20.60 -30.87 -10.09
CA SER B 122 -21.56 -30.91 -11.24
C SER B 122 -22.12 -29.52 -11.54
N PHE B 123 -22.08 -29.02 -12.79
CA PHE B 123 -22.80 -27.77 -13.15
C PHE B 123 -24.23 -28.07 -13.61
N HIS B 124 -25.18 -27.23 -13.22
CA HIS B 124 -26.61 -27.38 -13.58
C HIS B 124 -27.19 -26.00 -13.89
N MET B 125 -27.32 -25.66 -15.18
CA MET B 125 -27.66 -24.31 -15.69
C MET B 125 -29.16 -24.03 -15.60
N GLY B 126 -29.51 -22.94 -14.93
CA GLY B 126 -30.90 -22.46 -14.75
C GLY B 126 -31.14 -21.85 -13.37
N PHE B 127 -32.40 -21.65 -13.03
CA PHE B 127 -32.80 -21.09 -11.72
C PHE B 127 -33.08 -22.23 -10.76
N GLY B 128 -32.54 -22.10 -9.55
CA GLY B 128 -32.70 -23.05 -8.45
C GLY B 128 -34.00 -22.81 -7.72
N ALA B 129 -34.59 -23.85 -7.16
CA ALA B 129 -35.84 -23.73 -6.39
C ALA B 129 -36.06 -25.00 -5.59
N LEU B 130 -36.49 -24.84 -4.35
CA LEU B 130 -36.76 -25.99 -3.47
C LEU B 130 -38.16 -26.49 -3.78
N GLN B 131 -38.33 -27.80 -3.75
CA GLN B 131 -39.67 -28.46 -3.70
C GLN B 131 -39.90 -29.00 -2.29
N ASP B 132 -38.90 -29.69 -1.74
CA ASP B 132 -38.92 -30.17 -0.33
C ASP B 132 -37.51 -30.09 0.26
N ALA B 133 -37.36 -30.53 1.51
CA ALA B 133 -36.10 -30.48 2.27
C ALA B 133 -34.96 -31.12 1.48
N HIS B 134 -35.25 -32.15 0.67
CA HIS B 134 -34.22 -32.97 -0.02
C HIS B 134 -34.25 -32.83 -1.56
N THR B 135 -35.13 -31.99 -2.12
CA THR B 135 -35.35 -31.92 -3.59
C THR B 135 -35.22 -30.49 -4.09
N VAL B 136 -34.33 -30.27 -5.06
CA VAL B 136 -34.05 -28.93 -5.66
C VAL B 136 -34.40 -28.93 -7.16
N VAL B 137 -35.54 -28.36 -7.54
CA VAL B 137 -35.92 -28.34 -8.98
C VAL B 137 -35.29 -27.12 -9.66
N VAL B 138 -34.67 -27.37 -10.81
CA VAL B 138 -34.01 -26.34 -11.65
C VAL B 138 -34.90 -25.99 -12.84
N ARG B 139 -35.27 -24.72 -13.00
CA ARG B 139 -36.22 -24.29 -14.07
C ARG B 139 -35.59 -23.24 -15.00
N LYS B 140 -36.27 -22.97 -16.12
CA LYS B 140 -35.89 -21.95 -17.12
C LYS B 140 -36.08 -20.54 -16.57
N SER B 141 -37.06 -20.36 -15.65
CA SER B 141 -37.50 -19.03 -15.16
C SER B 141 -37.54 -19.00 -13.64
N GLU B 142 -37.60 -17.78 -13.07
CA GLU B 142 -37.90 -17.56 -11.62
C GLU B 142 -39.39 -17.90 -11.37
N ASP B 143 -40.22 -17.94 -12.43
CA ASP B 143 -41.64 -18.36 -12.40
C ASP B 143 -41.72 -19.83 -12.00
N PRO B 144 -42.63 -20.25 -11.09
CA PRO B 144 -42.75 -21.64 -10.65
C PRO B 144 -43.58 -22.59 -11.54
N HIS B 145 -44.47 -22.04 -12.36
CA HIS B 145 -45.23 -22.82 -13.39
C HIS B 145 -44.30 -23.15 -14.56
N SER B 146 -43.17 -22.42 -14.71
CA SER B 146 -42.13 -22.60 -15.77
C SER B 146 -41.37 -23.92 -15.63
N ASP B 147 -40.61 -24.25 -16.67
CA ASP B 147 -40.27 -25.65 -17.09
C ASP B 147 -39.09 -26.25 -16.32
N VAL B 148 -39.27 -27.48 -15.83
CA VAL B 148 -38.23 -28.20 -15.04
C VAL B 148 -37.14 -28.64 -16.02
N LEU B 149 -36.02 -27.93 -16.02
CA LEU B 149 -34.80 -28.34 -16.79
C LEU B 149 -34.17 -29.58 -16.13
N GLU B 150 -34.07 -29.64 -14.80
CA GLU B 150 -33.42 -30.76 -14.06
C GLU B 150 -34.07 -30.91 -12.69
N THR B 151 -33.97 -32.10 -12.10
CA THR B 151 -34.50 -32.40 -10.73
C THR B 151 -33.40 -33.06 -9.90
N LEU B 152 -32.78 -32.29 -9.02
CA LEU B 152 -31.64 -32.79 -8.19
C LEU B 152 -32.19 -33.41 -6.88
N ASP B 153 -31.68 -34.59 -6.54
CA ASP B 153 -32.02 -35.35 -5.30
C ASP B 153 -30.82 -35.20 -4.36
N THR B 154 -30.99 -34.58 -3.19
CA THR B 154 -29.83 -34.25 -2.30
C THR B 154 -30.14 -34.47 -0.81
N GLU B 155 -29.10 -34.74 -0.01
CA GLU B 155 -29.20 -34.79 1.46
C GLU B 155 -29.21 -33.33 1.95
N TYR B 156 -28.17 -32.55 1.63
CA TYR B 156 -27.99 -31.13 2.05
C TYR B 156 -28.28 -30.14 0.91
N ILE B 157 -28.69 -28.93 1.32
CA ILE B 157 -28.84 -27.77 0.41
C ILE B 157 -28.12 -26.58 1.04
N LEU B 158 -27.16 -26.01 0.31
CA LEU B 158 -26.58 -24.68 0.61
C LEU B 158 -27.22 -23.62 -0.29
N ILE B 159 -27.45 -22.43 0.27
CA ILE B 159 -28.04 -21.27 -0.45
C ILE B 159 -26.98 -20.18 -0.50
N ALA B 160 -26.68 -19.65 -1.68
CA ALA B 160 -25.57 -18.71 -1.89
C ALA B 160 -25.91 -17.78 -3.05
N THR B 161 -27.18 -17.40 -3.14
CA THR B 161 -27.72 -16.66 -4.31
C THR B 161 -27.37 -15.17 -4.23
N GLY B 162 -26.76 -14.71 -3.13
CA GLY B 162 -26.19 -13.35 -3.03
C GLY B 162 -27.22 -12.22 -2.98
N SER B 163 -26.86 -11.07 -3.53
CA SER B 163 -27.69 -9.84 -3.47
C SER B 163 -28.37 -9.62 -4.82
N TRP B 164 -29.28 -8.65 -4.89
CA TRP B 164 -29.79 -8.10 -6.18
C TRP B 164 -30.17 -6.62 -5.99
N PRO B 165 -29.68 -5.68 -6.84
CA PRO B 165 -29.65 -4.28 -6.44
C PRO B 165 -31.08 -3.74 -6.42
N THR B 166 -31.28 -2.85 -5.46
CA THR B 166 -32.62 -2.53 -4.94
C THR B 166 -33.13 -1.30 -5.70
N ARG B 167 -34.44 -1.24 -5.93
CA ARG B 167 -35.11 -0.30 -6.87
C ARG B 167 -35.93 0.75 -6.12
N LEU B 168 -36.23 1.86 -6.79
CA LEU B 168 -36.78 3.10 -6.16
C LEU B 168 -38.31 3.02 -6.03
N GLY B 169 -39.01 2.29 -6.91
CA GLY B 169 -40.47 2.05 -6.86
C GLY B 169 -41.28 3.33 -7.03
N VAL B 170 -40.98 4.12 -8.05
CA VAL B 170 -41.39 5.55 -8.21
C VAL B 170 -41.68 5.81 -9.70
N PRO B 171 -42.37 6.91 -10.09
CA PRO B 171 -42.55 7.23 -11.51
C PRO B 171 -41.21 7.37 -12.25
N GLY B 172 -41.13 6.76 -13.43
CA GLY B 172 -39.92 6.78 -14.29
C GLY B 172 -38.75 5.99 -13.73
N ASP B 173 -38.99 5.09 -12.76
CA ASP B 173 -37.96 4.20 -12.14
C ASP B 173 -37.40 3.22 -13.19
N GLU B 174 -38.23 2.85 -14.15
CA GLU B 174 -37.85 2.08 -15.36
C GLU B 174 -36.69 2.73 -16.13
N PHE B 175 -36.57 4.06 -16.20
CA PHE B 175 -35.57 4.71 -17.11
C PHE B 175 -34.19 4.77 -16.45
N CYS B 176 -34.14 4.64 -15.12
CA CYS B 176 -32.88 4.54 -14.35
C CYS B 176 -32.21 3.19 -14.58
N ILE B 177 -30.96 3.03 -14.13
CA ILE B 177 -30.14 1.77 -14.28
C ILE B 177 -29.49 1.37 -12.92
N THR B 178 -29.12 0.11 -12.69
CA THR B 178 -28.42 -0.33 -11.45
C THR B 178 -26.92 -0.53 -11.76
N SER B 179 -26.14 -1.05 -10.80
CA SER B 179 -24.72 -1.41 -10.99
C SER B 179 -24.59 -2.27 -12.24
N ASN B 180 -25.42 -3.32 -12.34
CA ASN B 180 -25.28 -4.37 -13.39
C ASN B 180 -25.22 -3.67 -14.74
N GLU B 181 -26.26 -2.91 -15.06
CA GLU B 181 -26.49 -2.31 -16.40
C GLU B 181 -25.28 -1.46 -16.80
N ALA B 182 -24.64 -0.83 -15.81
CA ALA B 182 -23.59 0.18 -16.02
C ALA B 182 -22.34 -0.45 -16.61
N PHE B 183 -22.02 -1.70 -16.26
CA PHE B 183 -20.83 -2.41 -16.81
C PHE B 183 -20.98 -2.67 -18.32
N TYR B 184 -22.22 -2.65 -18.85
CA TYR B 184 -22.56 -2.91 -20.28
C TYR B 184 -23.35 -1.73 -20.86
N LEU B 185 -22.79 -0.51 -20.77
CA LEU B 185 -23.31 0.68 -21.52
C LEU B 185 -22.41 0.82 -22.73
N GLU B 186 -22.90 1.43 -23.79
CA GLU B 186 -22.12 1.49 -25.06
C GLU B 186 -21.23 2.72 -25.02
N ASP B 187 -21.79 3.86 -24.64
CA ASP B 187 -21.04 5.14 -24.61
C ASP B 187 -20.78 5.51 -23.16
N ALA B 188 -19.97 6.54 -22.96
CA ALA B 188 -19.66 7.12 -21.63
C ALA B 188 -20.64 8.26 -21.36
N PRO B 189 -21.68 8.11 -20.51
CA PRO B 189 -22.56 9.22 -20.14
C PRO B 189 -21.86 10.59 -20.03
N LYS B 190 -22.38 11.57 -20.80
CA LYS B 190 -21.87 12.97 -20.82
C LYS B 190 -22.33 13.65 -19.53
N ARG B 191 -23.65 13.73 -19.40
CA ARG B 191 -24.33 14.21 -18.21
C ARG B 191 -24.69 12.95 -17.43
N MET B 192 -24.18 12.82 -16.20
CA MET B 192 -24.34 11.57 -15.43
C MET B 192 -24.88 11.87 -14.05
N LEU B 193 -25.75 10.99 -13.53
CA LEU B 193 -26.28 11.08 -12.15
C LEU B 193 -26.18 9.72 -11.46
N CYS B 194 -25.35 9.64 -10.43
CA CYS B 194 -25.33 8.52 -9.47
C CYS B 194 -26.23 8.90 -8.30
N VAL B 195 -27.31 8.15 -8.10
CA VAL B 195 -28.16 8.30 -6.90
C VAL B 195 -27.65 7.35 -5.82
N GLY B 196 -27.66 7.84 -4.57
CA GLY B 196 -27.26 7.11 -3.36
C GLY B 196 -25.90 7.56 -2.83
N GLY B 197 -25.49 7.03 -1.69
CA GLY B 197 -24.23 7.43 -1.05
C GLY B 197 -23.46 6.25 -0.51
N GLY B 198 -23.69 5.05 -1.07
CA GLY B 198 -23.02 3.80 -0.69
C GLY B 198 -21.69 3.66 -1.39
N TYR B 199 -20.86 2.69 -1.00
CA TYR B 199 -19.62 2.37 -1.75
C TYR B 199 -20.05 2.02 -3.19
N ILE B 200 -21.18 1.34 -3.33
CA ILE B 200 -21.85 0.99 -4.61
C ILE B 200 -21.72 2.21 -5.52
N ALA B 201 -22.36 3.31 -5.12
CA ALA B 201 -22.43 4.60 -5.86
C ALA B 201 -21.05 5.28 -5.94
N VAL B 202 -20.49 5.58 -4.79
CA VAL B 202 -19.32 6.51 -4.70
C VAL B 202 -18.26 6.00 -5.69
N GLU B 203 -18.03 4.70 -5.67
CA GLU B 203 -17.01 4.09 -6.56
C GLU B 203 -17.42 4.45 -7.98
N PHE B 204 -18.69 4.20 -8.31
CA PHE B 204 -19.23 4.34 -9.69
C PHE B 204 -19.25 5.80 -10.13
N ALA B 205 -19.41 6.71 -9.18
CA ALA B 205 -19.25 8.14 -9.47
C ALA B 205 -17.84 8.30 -10.05
N GLY B 206 -16.83 7.94 -9.25
CA GLY B 206 -15.39 8.04 -9.59
C GLY B 206 -15.12 7.42 -10.96
N ILE B 207 -15.78 6.30 -11.27
CA ILE B 207 -15.63 5.64 -12.59
C ILE B 207 -16.15 6.64 -13.62
N PHE B 208 -17.44 6.97 -13.54
CA PHE B 208 -18.11 7.76 -14.60
C PHE B 208 -17.41 9.10 -14.72
N ASN B 209 -17.02 9.66 -13.57
CA ASN B 209 -16.21 10.90 -13.44
C ASN B 209 -14.97 10.81 -14.35
N GLY B 210 -14.36 9.63 -14.43
CA GLY B 210 -13.13 9.42 -15.20
C GLY B 210 -13.37 9.52 -16.69
N TYR B 211 -14.42 8.85 -17.18
CA TYR B 211 -14.70 8.68 -18.64
C TYR B 211 -15.77 9.69 -19.07
N LYS B 212 -15.38 10.96 -19.11
CA LYS B 212 -16.23 12.07 -19.58
C LYS B 212 -15.86 12.31 -21.04
N PRO B 213 -16.84 12.41 -21.95
CA PRO B 213 -16.60 13.03 -23.25
C PRO B 213 -16.35 14.52 -22.97
N CYS B 214 -15.44 15.12 -23.72
CA CYS B 214 -14.89 16.48 -23.48
C CYS B 214 -16.05 17.46 -23.23
N GLY B 215 -16.22 17.89 -21.97
CA GLY B 215 -17.38 18.68 -21.52
C GLY B 215 -18.55 17.79 -21.12
N GLY B 216 -18.98 17.85 -19.86
CA GLY B 216 -19.91 16.86 -19.27
C GLY B 216 -19.46 16.44 -17.88
N TYR B 217 -20.34 15.81 -17.10
CA TYR B 217 -20.24 15.87 -15.62
C TYR B 217 -20.92 14.68 -14.94
N VAL B 218 -20.62 14.56 -13.65
CA VAL B 218 -21.26 13.58 -12.73
C VAL B 218 -21.78 14.26 -11.46
N ASP B 219 -23.10 14.27 -11.30
CA ASP B 219 -23.78 14.72 -10.06
C ASP B 219 -23.97 13.48 -9.18
N LEU B 220 -23.65 13.63 -7.89
CA LEU B 220 -24.06 12.66 -6.86
C LEU B 220 -25.36 13.13 -6.24
N CYS B 221 -25.99 12.27 -5.44
CA CYS B 221 -27.32 12.52 -4.86
C CYS B 221 -27.58 11.58 -3.67
N TYR B 222 -27.40 12.08 -2.45
CA TYR B 222 -27.75 11.34 -1.22
C TYR B 222 -28.96 12.02 -0.53
N ARG B 223 -29.91 11.20 -0.09
CA ARG B 223 -31.15 11.56 0.63
C ARG B 223 -30.91 11.94 2.09
N GLY B 224 -29.67 11.81 2.56
CA GLY B 224 -29.20 12.22 3.90
C GLY B 224 -28.15 13.34 3.84
N ASP B 225 -27.52 13.65 4.98
CA ASP B 225 -26.65 14.84 5.19
C ASP B 225 -25.25 14.60 4.61
N LEU B 226 -24.66 13.43 4.86
CA LEU B 226 -23.29 13.15 4.40
C LEU B 226 -23.20 11.75 3.77
N ILE B 227 -22.32 11.65 2.78
CA ILE B 227 -22.09 10.40 2.01
C ILE B 227 -21.41 9.33 2.88
N LEU B 228 -21.55 8.08 2.45
CA LEU B 228 -21.00 6.87 3.13
C LEU B 228 -21.52 6.78 4.57
N ARG B 229 -22.78 6.39 4.76
CA ARG B 229 -23.33 6.11 6.10
C ARG B 229 -22.46 5.08 6.80
N GLY B 230 -22.22 5.28 8.09
CA GLY B 230 -21.60 4.25 8.95
C GLY B 230 -20.08 4.34 8.98
N PHE B 231 -19.43 5.04 8.03
CA PHE B 231 -17.96 5.21 7.99
C PHE B 231 -17.55 6.34 8.97
N ASP B 232 -16.24 6.58 9.07
CA ASP B 232 -15.71 7.64 9.97
C ASP B 232 -16.14 8.98 9.39
N THR B 233 -16.86 9.71 10.22
CA THR B 233 -17.48 11.01 9.88
C THR B 233 -16.42 11.99 9.42
N GLU B 234 -15.30 12.07 10.13
CA GLU B 234 -14.23 13.04 9.78
C GLU B 234 -13.71 12.69 8.39
N VAL B 235 -13.43 11.41 8.17
CA VAL B 235 -12.97 10.88 6.86
C VAL B 235 -14.01 11.12 5.77
N ARG B 236 -15.27 10.78 6.04
CA ARG B 236 -16.37 10.99 5.07
C ARG B 236 -16.41 12.43 4.54
N LYS B 237 -16.07 13.42 5.36
CA LYS B 237 -16.03 14.85 4.96
C LYS B 237 -14.84 15.11 4.06
N SER B 238 -13.62 14.84 4.54
CA SER B 238 -12.33 14.98 3.80
C SER B 238 -12.47 14.42 2.39
N LEU B 239 -13.23 13.33 2.25
CA LEU B 239 -13.54 12.73 0.94
C LEU B 239 -14.39 13.69 0.11
N THR B 240 -15.53 14.11 0.64
CA THR B 240 -16.53 14.87 -0.12
C THR B 240 -15.87 16.11 -0.78
N LYS B 241 -14.83 16.66 -0.14
CA LYS B 241 -14.02 17.81 -0.68
C LYS B 241 -13.17 17.34 -1.85
N GLN B 242 -12.36 16.30 -1.64
CA GLN B 242 -11.42 15.77 -2.66
C GLN B 242 -12.23 15.16 -3.82
N LEU B 243 -13.48 14.73 -3.58
CA LEU B 243 -14.43 14.36 -4.66
C LEU B 243 -14.73 15.63 -5.46
N GLY B 244 -15.16 16.69 -4.76
CA GLY B 244 -15.43 18.02 -5.32
C GLY B 244 -14.27 18.52 -6.19
N ALA B 245 -13.03 18.33 -5.76
CA ALA B 245 -11.85 18.81 -6.51
C ALA B 245 -11.70 18.04 -7.82
N ASN B 246 -12.13 16.77 -7.90
CA ASN B 246 -12.13 15.96 -9.15
C ASN B 246 -13.09 16.56 -10.20
N GLY B 247 -14.12 17.31 -9.78
CA GLY B 247 -15.23 17.78 -10.65
C GLY B 247 -16.58 17.28 -10.19
N ILE B 248 -16.64 16.29 -9.29
CA ILE B 248 -17.90 15.62 -8.85
C ILE B 248 -18.70 16.53 -7.93
N ARG B 249 -19.90 16.86 -8.35
CA ARG B 249 -20.78 17.78 -7.59
C ARG B 249 -21.70 16.93 -6.71
N VAL B 250 -21.34 16.80 -5.45
CA VAL B 250 -22.19 16.05 -4.49
C VAL B 250 -23.36 16.96 -4.11
N ARG B 251 -24.53 16.37 -3.93
CA ARG B 251 -25.72 17.10 -3.40
C ARG B 251 -26.31 16.28 -2.26
N THR B 252 -26.89 16.93 -1.25
CA THR B 252 -27.28 16.28 0.03
C THR B 252 -28.64 16.74 0.55
N ASN B 253 -29.30 15.84 1.27
CA ASN B 253 -30.74 15.98 1.63
C ASN B 253 -31.52 16.26 0.37
N LEU B 254 -31.35 15.41 -0.64
CA LEU B 254 -31.95 15.57 -1.98
C LEU B 254 -32.29 14.18 -2.52
N ASN B 255 -33.55 13.97 -2.86
CA ASN B 255 -34.05 12.68 -3.39
C ASN B 255 -34.78 12.98 -4.69
N PRO B 256 -34.66 12.15 -5.75
CA PRO B 256 -35.60 12.26 -6.85
C PRO B 256 -37.06 11.97 -6.44
N THR B 257 -38.01 12.52 -7.19
CA THR B 257 -39.46 12.26 -7.02
C THR B 257 -40.02 11.60 -8.28
N LYS B 258 -39.63 12.07 -9.49
CA LYS B 258 -39.99 11.36 -10.75
C LYS B 258 -38.91 11.51 -11.81
N ILE B 259 -38.85 10.53 -12.72
CA ILE B 259 -38.06 10.60 -13.98
C ILE B 259 -39.07 10.44 -15.13
N THR B 260 -38.74 11.00 -16.29
CA THR B 260 -39.45 10.72 -17.57
C THR B 260 -38.45 10.72 -18.73
N LYS B 261 -38.69 9.94 -19.78
CA LYS B 261 -37.79 9.95 -20.98
C LYS B 261 -38.15 11.15 -21.86
N ASN B 262 -37.31 11.43 -22.87
CA ASN B 262 -37.21 12.76 -23.52
C ASN B 262 -37.30 12.64 -25.05
N GLU B 263 -37.07 13.78 -25.73
CA GLU B 263 -36.92 13.90 -27.20
C GLU B 263 -35.82 12.96 -27.68
N ASP B 264 -34.58 13.16 -27.20
CA ASP B 264 -33.37 12.46 -27.70
C ASP B 264 -32.96 11.32 -26.74
N GLY B 265 -33.94 10.67 -26.11
CA GLY B 265 -33.73 9.49 -25.24
C GLY B 265 -33.14 9.87 -23.89
N SER B 266 -33.11 11.16 -23.55
CA SER B 266 -32.55 11.67 -22.26
C SER B 266 -33.46 11.25 -21.10
N ASN B 267 -33.14 11.68 -19.88
CA ASN B 267 -33.99 11.41 -18.69
C ASN B 267 -34.21 12.73 -17.95
N HIS B 268 -35.43 13.25 -18.01
CA HIS B 268 -35.83 14.45 -17.23
C HIS B 268 -36.09 13.99 -15.80
N VAL B 269 -35.54 14.73 -14.84
CA VAL B 269 -35.52 14.29 -13.40
C VAL B 269 -36.13 15.36 -12.49
N HIS B 270 -37.27 15.06 -11.86
CA HIS B 270 -37.84 15.86 -10.76
C HIS B 270 -37.09 15.54 -9.47
N PHE B 271 -36.76 16.54 -8.68
CA PHE B 271 -36.05 16.36 -7.39
C PHE B 271 -36.98 16.71 -6.21
N ASN B 272 -36.51 16.40 -5.01
CA ASN B 272 -37.23 16.63 -3.73
C ASN B 272 -37.06 18.09 -3.33
N ASP B 273 -36.02 18.72 -3.86
CA ASP B 273 -35.68 20.12 -3.53
C ASP B 273 -36.56 21.01 -4.39
N GLY B 274 -36.60 20.72 -5.68
CA GLY B 274 -37.56 21.37 -6.61
C GLY B 274 -36.99 21.62 -8.00
N THR B 275 -35.74 21.25 -8.22
CA THR B 275 -34.96 21.58 -9.44
C THR B 275 -35.11 20.42 -10.44
N GLU B 276 -34.98 20.72 -11.72
CA GLU B 276 -35.18 19.70 -12.78
C GLU B 276 -34.07 19.79 -13.82
N GLU B 277 -33.42 18.66 -14.08
CA GLU B 277 -32.28 18.62 -15.02
C GLU B 277 -32.39 17.41 -15.92
N ASP B 278 -31.67 17.47 -17.04
CA ASP B 278 -31.67 16.42 -18.08
C ASP B 278 -30.30 15.73 -18.06
N TYR B 279 -30.23 14.54 -17.48
CA TYR B 279 -29.02 13.69 -17.51
C TYR B 279 -29.21 12.60 -18.56
N ASP B 280 -28.10 12.07 -19.03
CA ASP B 280 -28.06 10.99 -20.05
C ASP B 280 -28.29 9.65 -19.35
N GLN B 281 -28.02 9.54 -18.06
CA GLN B 281 -28.12 8.24 -17.35
C GLN B 281 -28.29 8.46 -15.84
N VAL B 282 -29.12 7.63 -15.22
CA VAL B 282 -29.54 7.82 -13.80
C VAL B 282 -29.28 6.53 -13.00
N MET B 283 -28.13 6.42 -12.32
CA MET B 283 -27.76 5.14 -11.64
C MET B 283 -28.33 5.06 -10.21
N LEU B 284 -29.09 4.01 -9.91
CA LEU B 284 -29.57 3.72 -8.53
C LEU B 284 -28.58 2.77 -7.86
N ALA B 285 -27.71 3.36 -7.06
CA ALA B 285 -26.65 2.65 -6.30
C ALA B 285 -27.03 2.74 -4.83
N ILE B 286 -28.28 2.31 -4.58
CA ILE B 286 -29.06 2.66 -3.36
C ILE B 286 -29.15 1.42 -2.48
N GLY B 287 -28.00 0.77 -2.29
CA GLY B 287 -27.89 -0.52 -1.60
C GLY B 287 -28.36 -1.67 -2.48
N ARG B 288 -28.33 -2.87 -1.90
CA ARG B 288 -28.79 -4.12 -2.54
C ARG B 288 -29.40 -5.02 -1.46
N VAL B 289 -30.12 -6.06 -1.87
CA VAL B 289 -30.97 -6.86 -0.94
C VAL B 289 -30.87 -8.37 -1.22
N PRO B 290 -31.25 -9.23 -0.23
CA PRO B 290 -31.27 -10.68 -0.42
C PRO B 290 -32.19 -11.13 -1.57
N ARG B 291 -31.69 -12.07 -2.39
CA ARG B 291 -32.39 -12.63 -3.56
C ARG B 291 -33.00 -13.98 -3.18
N SER B 292 -33.94 -14.00 -2.23
CA SER B 292 -34.50 -15.24 -1.62
C SER B 292 -35.98 -15.41 -1.94
N GLN B 293 -36.50 -14.66 -2.91
CA GLN B 293 -37.97 -14.55 -3.14
C GLN B 293 -38.43 -15.81 -3.86
N ALA B 294 -37.79 -16.13 -4.99
CA ALA B 294 -38.22 -17.15 -5.97
C ALA B 294 -37.49 -18.48 -5.76
N LEU B 295 -36.89 -18.70 -4.59
CA LEU B 295 -36.36 -20.03 -4.20
C LEU B 295 -37.47 -20.86 -3.57
N GLN B 296 -38.64 -20.29 -3.29
CA GLN B 296 -39.73 -21.01 -2.56
C GLN B 296 -39.15 -21.62 -1.29
N LEU B 297 -38.78 -20.80 -0.32
CA LEU B 297 -38.30 -21.29 0.98
C LEU B 297 -39.50 -21.60 1.88
N ASP B 298 -40.56 -20.82 1.72
CA ASP B 298 -41.96 -21.11 2.16
C ASP B 298 -42.31 -22.58 1.90
N LYS B 299 -42.05 -23.08 0.69
CA LYS B 299 -42.42 -24.45 0.23
C LYS B 299 -41.72 -25.50 1.11
N ALA B 300 -40.42 -25.32 1.37
CA ALA B 300 -39.64 -26.24 2.25
C ALA B 300 -39.67 -25.78 3.71
N GLY B 301 -40.10 -24.54 3.97
CA GLY B 301 -40.38 -24.02 5.32
C GLY B 301 -39.13 -23.52 6.04
N VAL B 302 -38.24 -22.80 5.36
CA VAL B 302 -37.09 -22.15 6.05
C VAL B 302 -37.38 -20.66 6.20
N ARG B 303 -37.29 -20.16 7.43
CA ARG B 303 -37.59 -18.74 7.77
C ARG B 303 -36.70 -17.80 6.97
N THR B 304 -37.25 -16.60 6.72
CA THR B 304 -36.65 -15.42 6.06
C THR B 304 -36.92 -14.23 6.99
N GLY B 305 -37.04 -13.00 6.47
CA GLY B 305 -37.42 -11.86 7.32
C GLY B 305 -36.90 -10.53 6.79
N LYS B 306 -36.02 -9.87 7.55
CA LYS B 306 -35.42 -8.54 7.24
C LYS B 306 -35.06 -8.48 5.75
N ASN B 307 -36.00 -8.00 4.91
CA ASN B 307 -35.86 -7.88 3.43
C ASN B 307 -35.66 -9.25 2.78
N GLY B 308 -36.22 -10.31 3.37
CA GLY B 308 -36.15 -11.69 2.84
C GLY B 308 -34.86 -12.42 3.25
N ALA B 309 -34.01 -11.77 4.04
CA ALA B 309 -32.74 -12.36 4.52
C ALA B 309 -33.04 -13.72 5.16
N VAL B 310 -32.35 -14.75 4.71
CA VAL B 310 -32.51 -16.12 5.25
C VAL B 310 -31.95 -16.14 6.68
N GLN B 311 -32.79 -16.55 7.64
CA GLN B 311 -32.46 -16.59 9.09
C GLN B 311 -31.58 -17.81 9.34
N VAL B 312 -30.44 -17.61 9.99
CA VAL B 312 -29.41 -18.68 10.20
C VAL B 312 -28.81 -18.55 11.60
N ASP B 313 -28.41 -19.65 12.20
CA ASP B 313 -27.76 -19.66 13.55
C ASP B 313 -26.29 -19.21 13.44
N ALA B 314 -25.56 -19.32 14.55
CA ALA B 314 -24.09 -19.18 14.63
C ALA B 314 -23.47 -19.77 13.34
N TYR B 315 -23.84 -21.01 13.03
CA TYR B 315 -23.13 -21.91 12.07
C TYR B 315 -23.76 -21.94 10.67
N SER B 316 -24.48 -20.89 10.26
CA SER B 316 -25.12 -20.77 8.92
C SER B 316 -26.26 -21.81 8.72
N LYS B 317 -26.73 -22.48 9.78
CA LYS B 317 -27.84 -23.48 9.73
C LYS B 317 -29.21 -22.75 9.75
N THR B 318 -30.03 -22.99 8.73
CA THR B 318 -31.40 -22.42 8.63
C THR B 318 -32.37 -23.26 9.49
N SER B 319 -33.64 -22.87 9.49
CA SER B 319 -34.67 -23.45 10.38
C SER B 319 -35.00 -24.92 10.03
N VAL B 320 -34.66 -25.38 8.83
CA VAL B 320 -34.67 -26.83 8.50
C VAL B 320 -33.23 -27.30 8.68
N ASP B 321 -33.01 -28.31 9.51
CA ASP B 321 -31.68 -28.84 9.91
C ASP B 321 -30.73 -29.04 8.71
N ASN B 322 -31.25 -29.57 7.59
CA ASN B 322 -30.41 -29.99 6.43
C ASN B 322 -30.26 -28.85 5.42
N ILE B 323 -30.94 -27.72 5.60
CA ILE B 323 -30.69 -26.51 4.76
C ILE B 323 -29.74 -25.54 5.47
N TYR B 324 -28.82 -24.94 4.70
CA TYR B 324 -27.82 -23.96 5.19
C TYR B 324 -27.85 -22.72 4.29
N ALA B 325 -27.19 -21.64 4.71
CA ALA B 325 -27.16 -20.40 3.90
C ALA B 325 -25.95 -19.53 4.23
N ILE B 326 -25.49 -18.77 3.23
CA ILE B 326 -24.24 -17.93 3.30
C ILE B 326 -24.26 -16.75 2.34
N GLY B 327 -23.35 -15.81 2.61
CA GLY B 327 -22.92 -14.77 1.66
C GLY B 327 -23.65 -13.46 1.88
N ASP B 328 -24.54 -13.10 0.96
CA ASP B 328 -25.33 -11.85 1.04
C ASP B 328 -26.78 -12.19 1.40
N VAL B 329 -27.27 -13.39 1.08
CA VAL B 329 -28.68 -13.75 1.39
C VAL B 329 -28.85 -13.90 2.90
N THR B 330 -27.80 -14.32 3.60
CA THR B 330 -27.81 -14.33 5.09
C THR B 330 -27.89 -12.89 5.60
N ASN B 331 -27.21 -11.97 4.89
CA ASN B 331 -27.26 -10.49 5.08
C ASN B 331 -26.23 -10.07 6.12
N ARG B 332 -25.19 -10.86 6.37
CA ARG B 332 -24.33 -10.58 7.55
C ARG B 332 -23.27 -9.55 7.15
N VAL B 333 -22.49 -9.77 6.11
CA VAL B 333 -21.67 -8.66 5.52
C VAL B 333 -21.60 -8.82 4.01
N MET B 334 -21.98 -7.76 3.29
CA MET B 334 -22.15 -7.79 1.81
C MET B 334 -20.75 -7.72 1.20
N LEU B 335 -19.96 -8.77 1.42
CA LEU B 335 -18.55 -8.83 0.99
C LEU B 335 -18.21 -10.16 0.33
N THR B 336 -17.10 -10.16 -0.41
CA THR B 336 -16.55 -11.34 -1.14
C THR B 336 -15.75 -12.19 -0.17
N PRO B 337 -14.75 -11.64 0.55
CA PRO B 337 -13.96 -12.44 1.48
C PRO B 337 -14.71 -13.10 2.66
N VAL B 338 -15.88 -12.59 3.02
CA VAL B 338 -16.69 -13.13 4.15
C VAL B 338 -17.53 -14.31 3.63
N ALA B 339 -18.29 -14.10 2.56
CA ALA B 339 -19.12 -15.14 1.90
C ALA B 339 -18.29 -16.42 1.71
N ILE B 340 -17.03 -16.25 1.26
CA ILE B 340 -16.01 -17.34 1.16
C ILE B 340 -15.89 -18.02 2.52
N ASN B 341 -15.38 -17.28 3.50
CA ASN B 341 -15.07 -17.77 4.86
C ASN B 341 -16.26 -18.55 5.42
N GLU B 342 -17.47 -17.98 5.37
CA GLU B 342 -18.76 -18.59 5.83
C GLU B 342 -18.94 -19.97 5.15
N GLY B 343 -18.65 -20.07 3.85
CA GLY B 343 -18.76 -21.30 3.06
C GLY B 343 -17.69 -22.33 3.38
N ALA B 344 -16.46 -21.90 3.66
CA ALA B 344 -15.36 -22.81 4.06
C ALA B 344 -15.66 -23.36 5.46
N ALA B 345 -16.20 -22.51 6.34
CA ALA B 345 -16.61 -22.88 7.70
C ALA B 345 -17.78 -23.87 7.65
N PHE B 346 -18.64 -23.78 6.64
CA PHE B 346 -19.81 -24.68 6.47
C PHE B 346 -19.32 -26.12 6.26
N VAL B 347 -18.36 -26.28 5.36
CA VAL B 347 -17.82 -27.60 4.94
C VAL B 347 -17.06 -28.24 6.11
N GLU B 348 -16.23 -27.46 6.81
CA GLU B 348 -15.51 -27.90 8.03
C GLU B 348 -16.52 -28.37 9.09
N THR B 349 -17.68 -27.72 9.14
CA THR B 349 -18.73 -28.04 10.14
C THR B 349 -19.40 -29.35 9.74
N VAL B 350 -20.00 -29.38 8.56
CA VAL B 350 -20.80 -30.57 8.15
C VAL B 350 -19.84 -31.67 7.70
N PHE B 351 -19.30 -31.58 6.48
CA PHE B 351 -18.39 -32.62 5.91
C PHE B 351 -17.02 -32.53 6.59
N GLY B 352 -16.66 -31.33 7.02
CA GLY B 352 -15.35 -31.07 7.65
C GLY B 352 -15.16 -31.93 8.89
N GLY B 353 -16.03 -31.77 9.88
CA GLY B 353 -15.93 -32.52 11.15
C GLY B 353 -15.98 -31.60 12.35
N LYS B 354 -15.02 -30.68 12.48
CA LYS B 354 -14.99 -29.76 13.65
C LYS B 354 -15.89 -28.57 13.40
N PRO B 355 -16.98 -28.40 14.18
CA PRO B 355 -17.87 -27.25 14.05
C PRO B 355 -17.13 -25.92 14.06
N ARG B 356 -17.53 -25.00 13.19
CA ARG B 356 -16.93 -23.66 13.15
C ARG B 356 -17.94 -22.70 12.56
N ALA B 357 -17.93 -21.45 13.02
CA ALA B 357 -18.76 -20.37 12.48
C ALA B 357 -17.90 -19.12 12.28
N THR B 358 -18.11 -18.40 11.18
CA THR B 358 -17.18 -17.35 10.71
C THR B 358 -17.21 -16.14 11.65
N ASP B 359 -16.04 -15.53 11.89
CA ASP B 359 -15.85 -14.34 12.75
C ASP B 359 -16.08 -13.05 11.94
N HIS B 360 -17.23 -12.40 12.16
CA HIS B 360 -17.74 -11.32 11.28
C HIS B 360 -17.18 -9.93 11.66
N THR B 361 -16.41 -9.82 12.76
CA THR B 361 -15.95 -8.50 13.28
C THR B 361 -14.43 -8.33 13.11
N LYS B 362 -13.98 -7.09 13.21
CA LYS B 362 -12.59 -6.65 12.90
C LYS B 362 -12.29 -7.08 11.46
N VAL B 363 -13.26 -6.85 10.57
CA VAL B 363 -13.12 -7.15 9.13
C VAL B 363 -12.58 -5.89 8.44
N ALA B 364 -11.31 -5.94 8.00
CA ALA B 364 -10.66 -4.86 7.24
C ALA B 364 -11.37 -4.74 5.89
N CYS B 365 -11.72 -3.52 5.51
CA CYS B 365 -12.58 -3.25 4.33
C CYS B 365 -11.87 -2.23 3.43
N ALA B 366 -12.48 -1.94 2.28
CA ALA B 366 -11.96 -0.93 1.33
C ALA B 366 -13.12 -0.32 0.55
N VAL B 367 -12.89 0.91 0.11
CA VAL B 367 -13.75 1.56 -0.93
C VAL B 367 -12.80 2.24 -1.90
N PHE B 368 -12.90 1.85 -3.16
CA PHE B 368 -12.01 2.30 -4.26
C PHE B 368 -12.63 3.55 -4.89
N SER B 369 -12.71 4.57 -4.06
CA SER B 369 -13.00 5.95 -4.50
C SER B 369 -11.68 6.52 -5.03
N ILE B 370 -11.72 7.69 -5.66
CA ILE B 370 -10.46 8.41 -6.00
C ILE B 370 -10.44 9.73 -5.24
N PRO B 371 -9.63 9.87 -4.17
CA PRO B 371 -8.75 8.82 -3.67
C PRO B 371 -9.47 7.89 -2.69
N PRO B 372 -8.93 6.67 -2.49
CA PRO B 372 -9.63 5.58 -1.82
C PRO B 372 -9.44 5.44 -0.31
N ILE B 373 -10.32 4.65 0.30
CA ILE B 373 -10.44 4.52 1.78
C ILE B 373 -10.16 3.09 2.18
N GLY B 374 -9.45 2.96 3.30
CA GLY B 374 -9.33 1.70 4.06
C GLY B 374 -9.91 1.91 5.44
N THR B 375 -10.74 0.99 5.90
CA THR B 375 -11.26 1.03 7.28
C THR B 375 -11.40 -0.38 7.85
N CYS B 376 -11.04 -0.51 9.09
CA CYS B 376 -11.24 -1.75 9.88
C CYS B 376 -11.66 -1.35 11.28
N GLY B 377 -12.47 -2.18 11.94
CA GLY B 377 -12.88 -1.95 13.34
C GLY B 377 -13.95 -0.88 13.42
N MET B 378 -14.13 -0.27 14.60
CA MET B 378 -15.33 0.57 14.87
C MET B 378 -15.02 2.08 14.87
N THR B 379 -16.01 2.87 14.47
CA THR B 379 -16.00 4.36 14.51
C THR B 379 -15.99 4.87 15.94
N GLU B 380 -15.24 5.95 16.20
CA GLU B 380 -15.29 6.69 17.49
C GLU B 380 -16.74 6.82 17.98
N GLU B 381 -17.68 7.04 17.05
CA GLU B 381 -19.11 7.15 17.34
C GLU B 381 -19.58 5.90 18.08
N GLU B 382 -19.29 4.71 17.56
CA GLU B 382 -19.75 3.45 18.18
C GLU B 382 -18.88 3.14 19.40
N ALA B 383 -17.57 3.36 19.28
CA ALA B 383 -16.63 3.12 20.39
C ALA B 383 -17.14 3.84 21.63
N ALA B 384 -17.58 5.09 21.48
CA ALA B 384 -18.06 5.92 22.61
C ALA B 384 -19.19 5.19 23.33
N LYS B 385 -20.07 4.53 22.58
CA LYS B 385 -21.26 3.86 23.17
C LYS B 385 -20.81 2.73 24.10
N ASN B 386 -19.92 1.87 23.64
CA ASN B 386 -19.58 0.61 24.38
C ASN B 386 -18.56 0.89 25.48
N TYR B 387 -17.34 1.24 25.12
CA TYR B 387 -16.16 1.17 26.01
C TYR B 387 -16.15 2.38 26.96
N GLU B 388 -15.67 2.11 28.17
CA GLU B 388 -15.59 3.03 29.34
C GLU B 388 -15.00 4.39 28.92
N THR B 389 -13.77 4.36 28.43
CA THR B 389 -12.98 5.55 28.05
C THR B 389 -12.44 5.34 26.64
N VAL B 390 -12.85 6.19 25.70
CA VAL B 390 -12.31 6.13 24.32
C VAL B 390 -11.30 7.26 24.15
N ALA B 391 -10.15 6.91 23.59
CA ALA B 391 -9.13 7.87 23.16
C ALA B 391 -9.11 7.87 21.63
N VAL B 392 -8.82 9.01 21.04
CA VAL B 392 -8.96 9.21 19.57
C VAL B 392 -7.72 9.91 19.05
N TYR B 393 -6.86 9.16 18.41
CA TYR B 393 -5.68 9.72 17.73
C TYR B 393 -6.15 10.12 16.34
N ALA B 394 -5.50 11.12 15.74
CA ALA B 394 -5.70 11.49 14.33
C ALA B 394 -4.50 12.26 13.79
N SER B 395 -4.32 12.18 12.48
CA SER B 395 -3.29 12.94 11.73
C SER B 395 -3.67 13.00 10.25
N SER B 396 -3.19 14.05 9.58
CA SER B 396 -3.52 14.32 8.17
C SER B 396 -2.35 15.08 7.54
N PHE B 397 -2.01 14.77 6.30
CA PHE B 397 -0.88 15.44 5.62
C PHE B 397 -0.98 15.27 4.11
N THR B 398 -0.21 16.10 3.41
CA THR B 398 -0.19 16.21 1.94
C THR B 398 1.10 15.56 1.48
N PRO B 399 1.04 14.38 0.86
CA PRO B 399 2.25 13.69 0.41
C PRO B 399 3.17 14.50 -0.53
N LEU B 400 4.47 14.19 -0.48
CA LEU B 400 5.59 14.95 -1.11
C LEU B 400 5.28 15.27 -2.58
N MET B 401 4.83 14.25 -3.34
CA MET B 401 4.59 14.36 -4.80
C MET B 401 3.57 15.45 -5.07
N HIS B 402 2.58 15.63 -4.20
CA HIS B 402 1.44 16.54 -4.40
C HIS B 402 1.83 18.01 -4.15
N ASN B 403 3.09 18.28 -3.81
CA ASN B 403 3.69 19.64 -3.87
C ASN B 403 4.04 19.96 -5.32
N ILE B 404 4.74 19.03 -5.98
CA ILE B 404 5.16 19.18 -7.40
C ILE B 404 4.01 18.89 -8.35
N SER B 405 3.11 17.96 -8.00
CA SER B 405 2.07 17.45 -8.94
C SER B 405 0.98 18.50 -9.22
N GLY B 406 0.84 19.55 -8.41
CA GLY B 406 -0.19 20.60 -8.59
C GLY B 406 -1.48 20.25 -7.88
N SER B 407 -1.73 18.94 -7.65
CA SER B 407 -2.85 18.42 -6.82
C SER B 407 -2.57 18.74 -5.35
N LYS B 408 -2.58 20.02 -4.99
CA LYS B 408 -2.19 20.50 -3.63
C LYS B 408 -3.28 20.05 -2.64
N HIS B 409 -4.50 19.89 -3.12
CA HIS B 409 -5.69 19.50 -2.34
C HIS B 409 -5.61 18.06 -1.81
N LYS B 410 -4.93 17.18 -2.53
CA LYS B 410 -4.92 15.74 -2.18
C LYS B 410 -4.19 15.58 -0.84
N GLU B 411 -4.81 14.88 0.10
CA GLU B 411 -4.17 14.66 1.42
C GLU B 411 -4.52 13.29 1.98
N PHE B 412 -3.54 12.74 2.69
CA PHE B 412 -3.64 11.46 3.41
C PHE B 412 -4.05 11.71 4.86
N MET B 413 -4.94 10.88 5.35
CA MET B 413 -5.63 11.11 6.65
C MET B 413 -5.71 9.79 7.39
N ILE B 414 -5.36 9.82 8.67
CA ILE B 414 -5.28 8.59 9.49
C ILE B 414 -5.94 8.85 10.84
N ARG B 415 -6.79 7.91 11.23
CA ARG B 415 -7.59 8.05 12.45
C ARG B 415 -7.62 6.69 13.10
N ILE B 416 -7.01 6.62 14.26
CA ILE B 416 -6.93 5.41 15.12
C ILE B 416 -7.81 5.67 16.34
N ILE B 417 -8.48 4.65 16.80
CA ILE B 417 -9.44 4.77 17.92
C ILE B 417 -9.07 3.71 18.95
N THR B 418 -8.76 4.12 20.18
CA THR B 418 -8.39 3.19 21.28
C THR B 418 -9.47 3.05 22.36
N ASN B 419 -9.41 1.94 23.08
CA ASN B 419 -10.03 1.78 24.43
C ASN B 419 -8.99 2.29 25.43
N GLU B 420 -9.22 3.44 26.05
CA GLU B 420 -8.25 4.02 27.04
C GLU B 420 -8.19 3.18 28.33
N SER B 421 -9.17 2.29 28.58
CA SER B 421 -9.25 1.44 29.80
C SER B 421 -7.96 0.63 29.93
N ASN B 422 -7.33 0.27 28.82
CA ASN B 422 -6.08 -0.53 28.82
C ASN B 422 -5.15 -0.09 27.68
N GLY B 423 -5.60 0.83 26.83
CA GLY B 423 -4.82 1.31 25.67
C GLY B 423 -4.79 0.30 24.53
N GLU B 424 -5.95 -0.26 24.18
CA GLU B 424 -6.08 -1.23 23.08
C GLU B 424 -6.74 -0.58 21.85
N VAL B 425 -6.40 -1.03 20.65
CA VAL B 425 -6.96 -0.49 19.37
C VAL B 425 -8.35 -1.09 19.09
N LEU B 426 -9.30 -0.21 18.75
CA LEU B 426 -10.72 -0.54 18.45
C LEU B 426 -11.00 -0.37 16.96
N GLY B 427 -10.49 0.68 16.32
CA GLY B 427 -10.67 0.90 14.87
C GLY B 427 -9.52 1.66 14.20
N VAL B 428 -9.38 1.49 12.89
CA VAL B 428 -8.39 2.28 12.11
C VAL B 428 -9.01 2.71 10.79
N HIS B 429 -9.00 4.01 10.55
CA HIS B 429 -9.70 4.62 9.40
C HIS B 429 -8.74 5.50 8.60
N MET B 430 -8.67 5.24 7.30
CA MET B 430 -7.60 5.79 6.43
C MET B 430 -8.21 6.29 5.12
N LEU B 431 -7.96 7.55 4.78
CA LEU B 431 -8.18 8.05 3.40
C LEU B 431 -6.83 8.41 2.78
N GLY B 432 -6.77 8.25 1.47
CA GLY B 432 -5.61 8.64 0.64
C GLY B 432 -5.26 7.54 -0.31
N ASP B 433 -4.39 7.81 -1.29
CA ASP B 433 -3.99 6.80 -2.31
C ASP B 433 -3.03 5.79 -1.64
N SER B 434 -3.22 4.51 -2.00
CA SER B 434 -2.51 3.32 -1.45
C SER B 434 -3.07 2.94 -0.06
N ALA B 435 -4.31 3.34 0.25
CA ALA B 435 -4.94 3.08 1.56
C ALA B 435 -5.26 1.59 1.70
N PRO B 436 -6.15 1.02 0.86
CA PRO B 436 -6.69 -0.32 1.12
C PRO B 436 -5.61 -1.41 1.14
N GLU B 437 -4.45 -1.13 0.54
CA GLU B 437 -3.29 -2.05 0.62
C GLU B 437 -2.79 -2.08 2.07
N ILE B 438 -2.74 -0.92 2.72
CA ILE B 438 -2.20 -0.79 4.11
C ILE B 438 -3.19 -1.40 5.10
N ILE B 439 -4.48 -1.13 4.98
CA ILE B 439 -5.53 -1.56 5.97
C ILE B 439 -5.51 -3.09 6.13
N GLN B 440 -5.19 -3.83 5.06
CA GLN B 440 -5.16 -5.32 5.10
C GLN B 440 -4.22 -5.79 6.21
N SER B 441 -2.94 -5.42 6.13
CA SER B 441 -1.86 -5.88 7.05
C SER B 441 -2.03 -5.27 8.44
N VAL B 442 -2.66 -4.10 8.52
CA VAL B 442 -3.15 -3.50 9.80
C VAL B 442 -4.21 -4.46 10.37
N GLY B 443 -5.25 -4.77 9.56
CA GLY B 443 -6.37 -5.66 9.91
C GLY B 443 -5.93 -6.96 10.57
N ILE B 444 -4.70 -7.41 10.32
CA ILE B 444 -4.10 -8.63 10.95
C ILE B 444 -3.70 -8.33 12.39
N CYS B 445 -2.96 -7.24 12.60
CA CYS B 445 -2.45 -6.83 13.94
C CYS B 445 -3.67 -6.65 14.85
N MET B 446 -4.67 -5.90 14.37
CA MET B 446 -5.95 -5.68 15.09
C MET B 446 -6.59 -7.03 15.47
N LYS B 447 -6.55 -8.00 14.57
CA LYS B 447 -7.18 -9.32 14.84
C LYS B 447 -6.44 -9.95 16.02
N MET B 448 -5.11 -9.89 16.06
CA MET B 448 -4.32 -10.43 17.18
C MET B 448 -4.75 -9.73 18.47
N GLY B 449 -4.96 -8.42 18.38
CA GLY B 449 -5.23 -7.54 19.53
C GLY B 449 -4.01 -6.68 19.71
N ALA B 450 -4.13 -5.38 19.50
CA ALA B 450 -2.95 -4.51 19.35
C ALA B 450 -3.20 -3.18 20.06
N LYS B 451 -2.25 -2.77 20.89
CA LYS B 451 -2.36 -1.52 21.66
C LYS B 451 -1.65 -0.41 20.92
N ILE B 452 -2.03 0.84 21.17
CA ILE B 452 -1.34 2.01 20.57
C ILE B 452 0.15 1.94 20.93
N SER B 453 0.50 1.42 22.11
CA SER B 453 1.91 1.26 22.51
C SER B 453 2.60 0.31 21.54
N ASP B 454 1.90 -0.71 21.03
CA ASP B 454 2.44 -1.63 19.99
C ASP B 454 2.78 -0.83 18.72
N PHE B 455 1.91 0.09 18.31
CA PHE B 455 2.08 0.89 17.08
C PHE B 455 3.27 1.85 17.24
N HIS B 456 3.30 2.66 18.30
CA HIS B 456 4.36 3.71 18.44
C HIS B 456 5.71 3.09 18.85
N SER B 457 5.78 1.78 19.12
CA SER B 457 7.03 1.06 19.52
C SER B 457 7.67 0.33 18.31
N THR B 458 7.48 0.87 17.11
CA THR B 458 7.80 0.18 15.84
C THR B 458 8.53 1.16 14.92
N ILE B 459 9.74 0.81 14.47
CA ILE B 459 10.55 1.71 13.61
C ILE B 459 9.88 1.89 12.24
N GLY B 460 10.05 3.07 11.65
CA GLY B 460 9.36 3.52 10.42
C GLY B 460 9.96 2.94 9.15
N VAL B 461 9.12 2.91 8.12
CA VAL B 461 9.56 2.67 6.72
C VAL B 461 9.47 4.04 6.04
N HIS B 462 10.59 4.73 5.94
CA HIS B 462 10.67 6.10 5.39
C HIS B 462 11.22 6.04 3.97
N PRO B 463 10.67 6.83 3.02
CA PRO B 463 9.48 7.66 3.22
C PRO B 463 8.20 7.05 2.65
N THR B 464 7.20 6.81 3.51
CA THR B 464 5.89 6.24 3.12
C THR B 464 4.74 6.93 3.86
N SER B 465 3.56 6.94 3.25
CA SER B 465 2.26 7.27 3.88
C SER B 465 2.06 6.41 5.13
N ALA B 466 2.48 5.16 5.12
CA ALA B 466 2.10 4.18 6.16
C ALA B 466 2.74 4.56 7.50
N GLU B 467 3.95 5.13 7.50
CA GLU B 467 4.80 5.21 8.72
C GLU B 467 4.19 6.15 9.77
N GLU B 468 3.22 7.00 9.42
CA GLU B 468 2.48 7.80 10.44
C GLU B 468 1.52 6.91 11.24
N LEU B 469 1.50 5.58 11.02
CA LEU B 469 0.83 4.63 11.94
C LEU B 469 1.61 4.55 13.24
N CYS B 470 2.92 4.72 13.15
CA CYS B 470 3.87 4.47 14.26
C CYS B 470 4.46 5.80 14.72
N SER B 471 3.89 6.90 14.23
CA SER B 471 4.30 8.28 14.61
C SER B 471 3.10 9.00 15.24
N MET B 472 2.15 8.23 15.78
CA MET B 472 0.95 8.80 16.45
C MET B 472 1.01 8.41 17.92
N ARG B 473 1.54 9.30 18.77
CA ARG B 473 1.71 9.09 20.23
C ARG B 473 0.61 9.85 21.01
N THR B 474 0.29 11.10 20.64
CA THR B 474 -0.62 11.99 21.42
C THR B 474 -2.07 11.94 20.92
N PRO B 475 -3.04 11.64 21.82
CA PRO B 475 -4.48 11.68 21.50
C PRO B 475 -4.99 13.11 21.26
N ALA B 476 -6.03 13.27 20.44
CA ALA B 476 -6.58 14.59 20.05
C ALA B 476 -7.74 14.99 20.95
N TYR B 477 -8.54 14.03 21.40
CA TYR B 477 -9.57 14.20 22.45
C TYR B 477 -9.98 12.82 22.95
N PHE B 478 -10.99 12.74 23.82
CA PHE B 478 -11.45 11.46 24.42
C PHE B 478 -12.98 11.40 24.46
N TYR B 479 -13.54 10.34 25.04
CA TYR B 479 -14.97 10.25 25.42
C TYR B 479 -15.09 9.58 26.79
N GLU B 480 -15.98 10.13 27.61
CA GLU B 480 -16.34 9.56 28.94
C GLU B 480 -17.87 9.54 29.00
N SER B 481 -18.42 8.46 29.57
CA SER B 481 -19.87 8.16 29.59
C SER B 481 -20.45 8.21 28.16
N GLY B 482 -19.61 8.13 27.13
CA GLY B 482 -20.02 8.34 25.72
C GLY B 482 -20.31 9.81 25.44
N LYS B 483 -19.49 10.72 25.96
CA LYS B 483 -19.66 12.17 25.71
C LYS B 483 -18.31 12.82 25.53
N ARG B 484 -18.17 13.58 24.43
CA ARG B 484 -16.88 14.15 23.97
C ARG B 484 -16.27 15.04 25.05
N VAL B 485 -14.95 15.08 25.10
CA VAL B 485 -14.16 15.84 26.12
C VAL B 485 -12.85 16.30 25.48
N GLU B 486 -11.91 16.84 26.25
CA GLU B 486 -10.57 17.30 25.75
C GLU B 486 -9.45 16.83 26.68
N LYS B 487 -9.77 16.40 27.91
CA LYS B 487 -8.86 15.60 28.77
C LYS B 487 -9.71 14.76 29.73
N LEU B 488 -9.09 13.82 30.43
CA LEU B 488 -9.81 12.91 31.39
C LEU B 488 -9.99 13.68 32.69
N SER B 489 -11.24 13.77 33.18
CA SER B 489 -11.69 14.74 34.20
C SER B 489 -11.13 14.34 35.58
#